data_4CVN
#
_entry.id   4CVN
#
_cell.length_a   67.050
_cell.length_b   139.550
_cell.length_c   83.080
_cell.angle_alpha   90.00
_cell.angle_beta   105.51
_cell.angle_gamma   90.00
#
_symmetry.space_group_name_H-M   'P 1 21 1'
#
loop_
_entity.id
_entity.type
_entity.pdbx_description
1 polymer 'PUTATIVE ADENYLATE KINASE'
2 polymer '30S RIBOSOMAL PROTEIN S11'
3 non-polymer "ADENOSINE-5'-DIPHOSPHATE"
4 non-polymer 'MAGNESIUM ION'
5 water water
#
loop_
_entity_poly.entity_id
_entity_poly.type
_entity_poly.pdbx_seq_one_letter_code
_entity_poly.pdbx_strand_id
1 'polypeptide(L)'
;MKHHHHHHAMGMLIAITGTPGVGKTTIAKLLAEKLGYEYVNLRDFALEKGCGREVDGEVEVEIDELAYFVEKELKDRNVV
LDGHLSHLMPVDLVVVLRAHPRIIGERLRERGYSKEKIGENVEAELVDAILIEAIDEHENVIEVDTTNKTPEEIVEEIIG
LIKSGVKRRVGIVDWSEVYDEIIPYLRLGGE
;
A,B,C,D
2 'polypeptide(L)'
;MSEEQVNIKKKEKWGIAHIYSSYNNTIIHITDITGAETISRWSGGMVVKADRDEPSPYAAMLAARRAAEEALEKGIVGVH
IRVRAPGGSKSKTPGPGAQAAIRALARAGLKIGRVEDVTPIPHDGTRPKGGRRGRRV
;
E,F,G,H
#
# COMPACT_ATOMS: atom_id res chain seq x y z
N GLY A 11 -13.06 7.91 15.18
CA GLY A 11 -11.70 8.10 14.67
C GLY A 11 -11.35 9.55 14.41
N MET A 12 -10.14 9.80 13.93
CA MET A 12 -9.73 11.14 13.55
C MET A 12 -8.92 11.15 12.26
N LEU A 13 -9.37 11.93 11.28
CA LEU A 13 -8.72 11.97 9.98
C LEU A 13 -8.10 13.35 9.76
N ILE A 14 -6.76 13.39 9.67
CA ILE A 14 -6.02 14.64 9.53
C ILE A 14 -5.40 14.78 8.15
N ALA A 15 -5.73 15.86 7.44
CA ALA A 15 -5.10 16.11 6.15
C ALA A 15 -3.79 16.84 6.35
N ILE A 16 -2.74 16.39 5.65
CA ILE A 16 -1.51 17.18 5.56
C ILE A 16 -1.40 17.62 4.12
N THR A 17 -1.55 18.92 3.89
CA THR A 17 -1.57 19.42 2.53
C THR A 17 -0.59 20.59 2.38
N GLY A 18 -0.46 21.05 1.13
CA GLY A 18 0.37 22.20 0.82
C GLY A 18 0.99 22.00 -0.54
N THR A 19 1.69 23.03 -1.02
CA THR A 19 2.32 23.02 -2.34
C THR A 19 3.35 21.86 -2.45
N PRO A 20 3.43 21.22 -3.63
CA PRO A 20 4.46 20.20 -3.86
C PRO A 20 5.82 20.70 -3.44
N GLY A 21 6.53 19.88 -2.66
CA GLY A 21 7.86 20.23 -2.23
C GLY A 21 7.88 20.87 -0.87
N VAL A 22 6.71 21.12 -0.29
CA VAL A 22 6.67 21.83 0.98
C VAL A 22 7.07 20.90 2.13
N GLY A 23 7.08 19.60 1.89
CA GLY A 23 7.31 18.65 2.97
C GLY A 23 6.15 17.82 3.49
N LYS A 24 5.07 17.72 2.71
CA LYS A 24 3.90 16.92 3.12
C LYS A 24 4.24 15.50 3.56
N THR A 25 4.97 14.78 2.73
CA THR A 25 5.23 13.38 3.00
C THR A 25 6.11 13.21 4.24
N THR A 26 7.18 14.00 4.31
CA THR A 26 8.11 13.98 5.46
C THR A 26 7.35 14.19 6.77
N ILE A 27 6.59 15.29 6.80
CA ILE A 27 5.84 15.65 7.99
C ILE A 27 4.76 14.64 8.32
N ALA A 28 4.02 14.15 7.32
CA ALA A 28 2.92 13.20 7.58
C ALA A 28 3.44 11.89 8.16
N LYS A 29 4.52 11.36 7.59
CA LYS A 29 5.09 10.15 8.15
C LYS A 29 5.51 10.37 9.61
N LEU A 30 6.27 11.44 9.87
CA LEU A 30 6.71 11.67 11.26
C LEU A 30 5.54 11.94 12.23
N LEU A 31 4.53 12.68 11.77
CA LEU A 31 3.37 12.99 12.59
C LEU A 31 2.57 11.75 12.92
N ALA A 32 2.35 10.91 11.91
CA ALA A 32 1.63 9.66 12.12
C ALA A 32 2.40 8.80 13.13
N GLU A 33 3.72 8.74 12.97
CA GLU A 33 4.54 8.00 13.92
C GLU A 33 4.39 8.53 15.35
N LYS A 34 4.55 9.84 15.54
CA LYS A 34 4.46 10.44 16.87
C LYS A 34 3.08 10.34 17.52
N LEU A 35 2.03 10.37 16.71
CA LEU A 35 0.66 10.27 17.22
C LEU A 35 0.21 8.82 17.36
N GLY A 36 0.93 7.91 16.72
CA GLY A 36 0.52 6.52 16.65
C GLY A 36 -0.71 6.34 15.77
N TYR A 37 -0.88 7.23 14.81
CA TYR A 37 -1.96 7.05 13.84
C TYR A 37 -1.40 6.31 12.64
N GLU A 38 -2.26 5.92 11.70
CA GLU A 38 -1.81 5.28 10.47
C GLU A 38 -1.45 6.34 9.45
N TYR A 39 -0.33 6.16 8.74
CA TYR A 39 0.01 7.04 7.63
C TYR A 39 -0.61 6.50 6.36
N VAL A 40 -1.27 7.36 5.62
CA VAL A 40 -1.84 6.98 4.34
C VAL A 40 -1.51 8.03 3.27
N ASN A 41 -0.82 7.61 2.21
CA ASN A 41 -0.56 8.48 1.08
C ASN A 41 -1.77 8.48 0.17
N LEU A 42 -2.29 9.67 -0.12
CA LEU A 42 -3.58 9.77 -0.81
C LEU A 42 -3.52 9.21 -2.23
N ARG A 43 -2.41 9.46 -2.93
CA ARG A 43 -2.23 8.93 -4.29
C ARG A 43 -2.26 7.41 -4.28
N ASP A 44 -1.45 6.82 -3.40
CA ASP A 44 -1.38 5.37 -3.27
C ASP A 44 -2.76 4.81 -2.93
N PHE A 45 -3.41 5.44 -1.94
CA PHE A 45 -4.77 5.04 -1.57
C PHE A 45 -5.68 5.02 -2.78
N ALA A 46 -5.63 6.08 -3.59
CA ALA A 46 -6.51 6.19 -4.76
C ALA A 46 -6.23 5.07 -5.75
N LEU A 47 -4.94 4.77 -5.96
CA LEU A 47 -4.57 3.76 -6.94
C LEU A 47 -5.09 2.41 -6.49
N GLU A 48 -4.89 2.12 -5.21
CA GLU A 48 -5.23 0.80 -4.69
C GLU A 48 -6.74 0.59 -4.58
N LYS A 49 -7.51 1.67 -4.60
CA LYS A 49 -8.96 1.57 -4.58
C LYS A 49 -9.56 1.52 -5.98
N GLY A 50 -8.69 1.52 -7.00
CA GLY A 50 -9.15 1.43 -8.38
C GLY A 50 -9.68 2.73 -8.96
N CYS A 51 -9.34 3.84 -8.31
CA CYS A 51 -9.78 5.16 -8.73
C CYS A 51 -9.04 5.65 -9.97
N GLY A 52 -7.79 5.21 -10.13
CA GLY A 52 -6.99 5.67 -11.25
C GLY A 52 -7.48 5.14 -12.58
N ARG A 53 -7.59 6.04 -13.55
CA ARG A 53 -8.04 5.68 -14.90
C ARG A 53 -7.05 6.22 -15.93
N GLU A 54 -6.59 5.34 -16.80
CA GLU A 54 -5.52 5.66 -17.73
C GLU A 54 -6.07 6.54 -18.85
N VAL A 55 -5.48 7.73 -19.00
CA VAL A 55 -5.84 8.63 -20.09
C VAL A 55 -4.57 9.21 -20.73
N ASP A 56 -4.36 8.88 -22.00
CA ASP A 56 -3.31 9.47 -22.82
C ASP A 56 -1.96 9.53 -22.09
N GLY A 57 -1.57 8.37 -21.56
CA GLY A 57 -0.31 8.20 -20.85
C GLY A 57 -0.38 8.44 -19.34
N GLU A 58 -1.30 9.29 -18.89
CA GLU A 58 -1.40 9.52 -17.45
C GLU A 58 -2.52 8.75 -16.81
N VAL A 59 -2.57 8.79 -15.48
CA VAL A 59 -3.63 8.19 -14.71
C VAL A 59 -4.34 9.25 -13.90
N GLU A 60 -5.61 9.49 -14.22
CA GLU A 60 -6.39 10.55 -13.58
C GLU A 60 -7.36 9.97 -12.56
N VAL A 61 -7.68 10.76 -11.54
CA VAL A 61 -8.59 10.35 -10.49
C VAL A 61 -9.77 11.32 -10.42
N GLU A 62 -10.98 10.80 -10.16
CA GLU A 62 -12.15 11.66 -9.94
C GLU A 62 -12.16 12.03 -8.46
N ILE A 63 -12.06 13.32 -8.19
CA ILE A 63 -11.83 13.79 -6.82
C ILE A 63 -12.98 13.45 -5.87
N ASP A 64 -14.22 13.61 -6.33
CA ASP A 64 -15.39 13.24 -5.53
C ASP A 64 -15.42 11.76 -5.23
N GLU A 65 -15.04 10.93 -6.20
CA GLU A 65 -14.96 9.50 -5.98
C GLU A 65 -13.94 9.14 -4.92
N LEU A 66 -12.76 9.74 -5.04
CA LEU A 66 -11.70 9.55 -4.07
C LEU A 66 -12.21 9.96 -2.70
N ALA A 67 -12.94 11.07 -2.66
CA ALA A 67 -13.53 11.56 -1.42
C ALA A 67 -14.48 10.52 -0.84
N TYR A 68 -15.26 9.88 -1.70
CA TYR A 68 -16.18 8.82 -1.30
C TYR A 68 -15.42 7.69 -0.61
N PHE A 69 -14.35 7.23 -1.24
CA PHE A 69 -13.56 6.15 -0.63
C PHE A 69 -12.92 6.56 0.69
N VAL A 70 -12.44 7.80 0.76
CA VAL A 70 -11.85 8.29 1.99
C VAL A 70 -12.88 8.26 3.11
N GLU A 71 -14.07 8.79 2.83
CA GLU A 71 -15.14 8.81 3.82
C GLU A 71 -15.51 7.40 4.28
N LYS A 72 -15.67 6.50 3.33
CA LYS A 72 -16.04 5.13 3.67
C LYS A 72 -15.01 4.34 4.46
N GLU A 73 -13.79 4.28 3.94
CA GLU A 73 -12.74 3.46 4.54
C GLU A 73 -11.99 4.07 5.72
N LEU A 74 -11.59 5.32 5.58
CA LEU A 74 -10.71 5.96 6.57
C LEU A 74 -11.39 6.57 7.78
N LYS A 75 -12.57 7.15 7.59
CA LYS A 75 -13.18 8.05 8.56
C LYS A 75 -13.39 7.45 9.96
N ASP A 76 -13.44 6.13 10.06
CA ASP A 76 -13.54 5.48 11.38
C ASP A 76 -12.20 5.14 12.03
N ARG A 77 -11.11 5.54 11.39
CA ARG A 77 -9.79 5.22 11.92
C ARG A 77 -9.02 6.48 12.32
N ASN A 78 -7.83 6.29 12.90
CA ASN A 78 -6.96 7.42 13.16
C ASN A 78 -5.88 7.45 12.09
N VAL A 79 -5.98 8.45 11.23
CA VAL A 79 -5.21 8.49 9.99
C VAL A 79 -4.62 9.87 9.71
N VAL A 80 -3.32 9.91 9.37
CA VAL A 80 -2.71 11.09 8.76
C VAL A 80 -2.67 10.90 7.26
N LEU A 81 -3.40 11.74 6.54
CA LEU A 81 -3.61 11.59 5.10
C LEU A 81 -2.74 12.58 4.32
N ASP A 82 -1.86 12.06 3.48
CA ASP A 82 -0.81 12.85 2.81
C ASP A 82 -1.11 13.10 1.34
N GLY A 83 -1.29 14.38 1.00
CA GLY A 83 -1.39 14.76 -0.39
C GLY A 83 -1.84 16.19 -0.61
N HIS A 84 -1.58 16.72 -1.79
CA HIS A 84 -1.94 18.10 -2.10
C HIS A 84 -3.44 18.20 -2.39
N LEU A 85 -4.10 17.04 -2.48
CA LEU A 85 -5.57 16.96 -2.55
C LEU A 85 -6.23 16.65 -1.22
N SER A 86 -5.45 16.41 -0.16
CA SER A 86 -6.05 15.87 1.08
C SER A 86 -7.08 16.80 1.74
N HIS A 87 -6.93 18.11 1.56
CA HIS A 87 -7.89 19.05 2.13
C HIS A 87 -9.20 19.07 1.38
N LEU A 88 -9.23 18.45 0.20
CA LEU A 88 -10.49 18.36 -0.53
C LEU A 88 -11.25 17.11 -0.10
N MET A 89 -10.64 16.32 0.78
CA MET A 89 -11.27 15.10 1.31
C MET A 89 -12.08 15.41 2.59
N PRO A 90 -13.09 14.58 2.91
CA PRO A 90 -13.86 14.91 4.12
C PRO A 90 -13.10 14.55 5.40
N VAL A 91 -12.14 15.38 5.76
CA VAL A 91 -11.33 15.11 6.95
C VAL A 91 -11.85 15.88 8.16
N ASP A 92 -11.28 15.58 9.33
CA ASP A 92 -11.61 16.29 10.57
C ASP A 92 -10.80 17.57 10.82
N LEU A 93 -9.57 17.58 10.34
CA LEU A 93 -8.66 18.71 10.53
C LEU A 93 -7.73 18.81 9.32
N VAL A 94 -7.48 20.03 8.88
CA VAL A 94 -6.53 20.24 7.78
C VAL A 94 -5.30 20.93 8.32
N VAL A 95 -4.12 20.38 8.06
CA VAL A 95 -2.88 21.10 8.35
C VAL A 95 -2.31 21.57 7.03
N VAL A 96 -2.20 22.88 6.84
CA VAL A 96 -1.61 23.39 5.62
C VAL A 96 -0.17 23.77 5.90
N LEU A 97 0.76 23.03 5.31
CA LEU A 97 2.19 23.32 5.47
C LEU A 97 2.57 24.44 4.51
N ARG A 98 3.39 25.39 4.98
CA ARG A 98 3.90 26.47 4.13
C ARG A 98 5.42 26.46 4.12
N ALA A 99 6.00 27.00 3.05
CA ALA A 99 7.45 27.24 3.00
C ALA A 99 7.75 28.42 2.08
N HIS A 100 8.85 29.10 2.38
CA HIS A 100 9.35 30.18 1.55
C HIS A 100 9.41 29.66 0.11
N PRO A 101 8.79 30.38 -0.82
CA PRO A 101 8.68 29.86 -2.19
C PRO A 101 10.04 29.57 -2.86
N ARG A 102 11.12 30.21 -2.41
CA ARG A 102 12.45 29.86 -2.93
C ARG A 102 12.79 28.42 -2.56
N ILE A 103 12.34 27.97 -1.39
CA ILE A 103 12.60 26.60 -0.95
C ILE A 103 11.84 25.60 -1.82
N ILE A 104 10.57 25.91 -2.06
CA ILE A 104 9.75 25.18 -3.02
C ILE A 104 10.51 25.08 -4.36
N GLY A 105 11.03 26.21 -4.83
CA GLY A 105 11.73 26.24 -6.11
C GLY A 105 12.94 25.31 -6.18
N GLU A 106 13.78 25.39 -5.16
CA GLU A 106 14.99 24.57 -5.12
C GLU A 106 14.63 23.08 -5.07
N ARG A 107 13.68 22.74 -4.20
CA ARG A 107 13.30 21.33 -4.07
C ARG A 107 12.70 20.77 -5.35
N LEU A 108 11.83 21.54 -6.00
CA LEU A 108 11.21 21.04 -7.21
C LEU A 108 12.20 20.96 -8.38
N ARG A 109 13.18 21.85 -8.39
CA ARG A 109 14.22 21.73 -9.40
C ARG A 109 15.00 20.45 -9.16
N GLU A 110 15.34 20.17 -7.91
CA GLU A 110 16.02 18.90 -7.57
C GLU A 110 15.18 17.69 -8.00
N ARG A 111 13.84 17.83 -7.97
CA ARG A 111 12.97 16.75 -8.45
C ARG A 111 13.00 16.58 -9.97
N GLY A 112 13.48 17.58 -10.70
CA GLY A 112 13.53 17.51 -12.15
C GLY A 112 12.27 17.99 -12.85
N TYR A 113 11.46 18.78 -12.16
CA TYR A 113 10.31 19.44 -12.80
C TYR A 113 10.81 20.47 -13.81
N SER A 114 10.03 20.75 -14.84
CA SER A 114 10.37 21.77 -15.82
C SER A 114 10.33 23.18 -15.22
N LYS A 115 10.98 24.10 -15.91
CA LYS A 115 11.00 25.51 -15.53
C LYS A 115 9.59 26.02 -15.30
N GLU A 116 8.70 25.68 -16.22
CA GLU A 116 7.31 26.11 -16.18
C GLU A 116 6.59 25.52 -14.96
N LYS A 117 6.79 24.23 -14.72
CA LYS A 117 6.09 23.54 -13.64
C LYS A 117 6.61 24.04 -12.29
N ILE A 118 7.93 24.24 -12.21
CA ILE A 118 8.52 24.81 -11.01
C ILE A 118 7.92 26.21 -10.76
N GLY A 119 7.95 27.06 -11.78
CA GLY A 119 7.42 28.41 -11.67
C GLY A 119 5.98 28.44 -11.21
N GLU A 120 5.14 27.60 -11.80
CA GLU A 120 3.74 27.56 -11.40
C GLU A 120 3.59 27.12 -9.94
N ASN A 121 4.32 26.10 -9.49
CA ASN A 121 4.18 25.71 -8.09
C ASN A 121 4.72 26.77 -7.10
N VAL A 122 5.83 27.40 -7.46
CA VAL A 122 6.39 28.50 -6.67
C VAL A 122 5.35 29.61 -6.56
N GLU A 123 4.72 29.96 -7.67
CA GLU A 123 3.66 30.98 -7.64
C GLU A 123 2.46 30.52 -6.81
N ALA A 124 2.15 29.23 -6.86
CA ALA A 124 1.03 28.70 -6.06
C ALA A 124 1.29 28.91 -4.58
N GLU A 125 2.53 28.68 -4.17
CA GLU A 125 2.90 28.91 -2.78
C GLU A 125 2.85 30.41 -2.47
N LEU A 126 3.35 31.23 -3.39
CA LEU A 126 3.33 32.68 -3.20
C LEU A 126 1.92 33.22 -2.92
N VAL A 127 0.93 32.76 -3.68
CA VAL A 127 -0.44 33.31 -3.54
C VAL A 127 -1.35 32.53 -2.58
N ASP A 128 -0.79 31.60 -1.82
CA ASP A 128 -1.57 30.86 -0.80
C ASP A 128 -2.65 29.98 -1.44
N ALA A 129 -2.36 29.40 -2.61
CA ALA A 129 -3.42 28.68 -3.35
C ALA A 129 -4.07 27.56 -2.53
N ILE A 130 -3.24 26.69 -1.98
CA ILE A 130 -3.77 25.56 -1.19
C ILE A 130 -4.52 26.09 0.03
N LEU A 131 -3.93 27.05 0.74
CA LEU A 131 -4.59 27.63 1.92
C LEU A 131 -6.00 28.12 1.59
N ILE A 132 -6.15 28.85 0.48
CA ILE A 132 -7.44 29.37 0.09
C ILE A 132 -8.43 28.22 -0.21
N GLU A 133 -7.98 27.20 -0.95
CA GLU A 133 -8.83 26.03 -1.17
C GLU A 133 -9.31 25.41 0.16
N ALA A 134 -8.37 25.21 1.08
CA ALA A 134 -8.65 24.55 2.34
C ALA A 134 -9.64 25.32 3.22
N ILE A 135 -9.43 26.64 3.30
CA ILE A 135 -10.37 27.51 4.01
C ILE A 135 -11.75 27.51 3.36
N ASP A 136 -11.80 27.40 2.04
CA ASP A 136 -13.09 27.28 1.37
C ASP A 136 -13.78 25.96 1.76
N GLU A 137 -13.00 24.88 1.91
CA GLU A 137 -13.57 23.56 2.20
C GLU A 137 -13.93 23.24 3.65
N HIS A 138 -13.11 23.69 4.59
CA HIS A 138 -13.23 23.24 5.97
C HIS A 138 -13.09 24.38 6.94
N GLU A 139 -13.73 24.27 8.09
CA GLU A 139 -13.53 25.24 9.15
C GLU A 139 -12.25 24.96 9.95
N ASN A 140 -11.86 23.69 10.10
CA ASN A 140 -10.71 23.44 10.97
C ASN A 140 -9.46 23.31 10.11
N VAL A 141 -8.72 24.41 10.07
CA VAL A 141 -7.54 24.51 9.23
C VAL A 141 -6.46 25.19 10.05
N ILE A 142 -5.36 24.48 10.23
CA ILE A 142 -4.22 25.02 10.96
C ILE A 142 -3.06 25.15 9.99
N GLU A 143 -2.58 26.37 9.82
CA GLU A 143 -1.49 26.67 8.91
C GLU A 143 -0.18 26.64 9.70
N VAL A 144 0.86 26.02 9.15
CA VAL A 144 2.16 25.97 9.83
C VAL A 144 3.30 26.36 8.89
N ASP A 145 4.16 27.26 9.31
CA ASP A 145 5.30 27.64 8.48
C ASP A 145 6.47 26.70 8.78
N THR A 146 6.93 25.98 7.75
CA THR A 146 8.00 24.98 7.92
C THR A 146 9.40 25.57 7.80
N THR A 147 9.47 26.83 7.36
CA THR A 147 10.74 27.48 7.08
C THR A 147 11.66 27.51 8.28
N ASN A 148 12.92 27.13 8.05
CA ASN A 148 13.95 27.11 9.08
C ASN A 148 13.61 26.22 10.27
N LYS A 149 12.79 25.20 10.04
CA LYS A 149 12.46 24.22 11.07
C LYS A 149 12.76 22.80 10.59
N THR A 150 13.15 21.94 11.52
CA THR A 150 13.31 20.52 11.22
C THR A 150 11.94 19.84 11.29
N PRO A 151 11.81 18.66 10.65
CA PRO A 151 10.56 17.90 10.74
C PRO A 151 10.11 17.64 12.18
N GLU A 152 11.06 17.35 13.07
CA GLU A 152 10.75 17.12 14.48
C GLU A 152 10.08 18.34 15.10
N GLU A 153 10.67 19.51 14.88
CA GLU A 153 10.11 20.78 15.35
C GLU A 153 8.70 21.02 14.83
N ILE A 154 8.49 20.74 13.54
CA ILE A 154 7.21 20.97 12.90
C ILE A 154 6.13 20.06 13.48
N VAL A 155 6.44 18.77 13.59
CA VAL A 155 5.50 17.81 14.17
C VAL A 155 5.19 18.19 15.62
N GLU A 156 6.20 18.61 16.37
CA GLU A 156 5.95 19.05 17.74
C GLU A 156 5.02 20.27 17.77
N GLU A 157 5.19 21.19 16.83
CA GLU A 157 4.32 22.35 16.74
C GLU A 157 2.87 21.93 16.48
N ILE A 158 2.68 21.06 15.49
CA ILE A 158 1.36 20.57 15.14
C ILE A 158 0.66 19.86 16.32
N ILE A 159 1.37 18.92 16.95
CA ILE A 159 0.82 18.20 18.10
C ILE A 159 0.47 19.19 19.23
N GLY A 160 1.36 20.16 19.44
CA GLY A 160 1.17 21.14 20.48
C GLY A 160 -0.08 21.97 20.24
N LEU A 161 -0.36 22.25 18.97
CA LEU A 161 -1.58 22.97 18.62
C LEU A 161 -2.83 22.11 18.81
N ILE A 162 -2.80 20.89 18.30
CA ILE A 162 -3.94 19.98 18.41
C ILE A 162 -4.33 19.71 19.86
N LYS A 163 -3.34 19.51 20.73
CA LYS A 163 -3.61 19.25 22.14
C LYS A 163 -4.18 20.48 22.86
N SER A 164 -3.89 21.67 22.32
CA SER A 164 -4.24 22.94 22.98
C SER A 164 -5.71 23.28 23.31
N GLY A 165 -6.69 22.69 22.63
CA GLY A 165 -6.60 22.28 21.24
C GLY A 165 -7.03 23.43 20.34
N VAL A 166 -6.31 23.63 19.25
CA VAL A 166 -6.65 24.66 18.29
C VAL A 166 -7.27 24.01 17.08
N LYS A 167 -8.49 24.42 16.74
CA LYS A 167 -9.11 23.98 15.49
C LYS A 167 -8.76 24.83 14.25
N ARG A 168 -8.51 26.12 14.46
CA ARG A 168 -8.24 27.04 13.35
C ARG A 168 -7.10 28.04 13.60
N ARG A 169 -6.04 27.96 12.81
CA ARG A 169 -5.09 29.07 12.72
C ARG A 169 -4.63 29.27 11.27
N VAL A 170 -4.96 30.43 10.70
CA VAL A 170 -4.63 30.71 9.30
C VAL A 170 -4.16 32.15 9.18
N GLY A 171 -3.48 32.47 8.08
CA GLY A 171 -3.00 33.82 7.85
C GLY A 171 -1.71 34.13 8.57
N ILE A 172 -0.86 33.12 8.79
CA ILE A 172 0.39 33.33 9.54
C ILE A 172 1.62 33.62 8.68
N VAL A 173 1.52 33.46 7.36
CA VAL A 173 2.63 33.85 6.50
C VAL A 173 2.12 34.75 5.39
N ASP A 174 2.94 35.71 4.98
CA ASP A 174 2.62 36.49 3.80
C ASP A 174 3.88 36.49 2.93
N TRP A 175 3.85 35.74 1.84
CA TRP A 175 5.06 35.57 1.04
C TRP A 175 5.30 36.76 0.11
N SER A 176 4.33 37.66 0.01
CA SER A 176 4.54 38.92 -0.73
C SER A 176 5.74 39.67 -0.17
N GLU A 177 5.98 39.54 1.14
CA GLU A 177 7.10 40.19 1.80
C GLU A 177 8.45 39.72 1.25
N VAL A 178 8.49 38.49 0.76
CA VAL A 178 9.71 37.95 0.16
C VAL A 178 9.72 37.97 -1.36
N TYR A 179 8.74 38.64 -1.97
CA TYR A 179 8.64 38.64 -3.43
C TYR A 179 9.98 38.88 -4.16
N ASP A 180 10.75 39.84 -3.67
CA ASP A 180 12.03 40.16 -4.29
C ASP A 180 12.95 38.96 -4.37
N GLU A 181 12.87 38.08 -3.37
CA GLU A 181 13.74 36.93 -3.29
C GLU A 181 13.37 35.82 -4.26
N ILE A 182 12.10 35.78 -4.68
CA ILE A 182 11.68 34.68 -5.56
C ILE A 182 11.56 34.94 -7.07
N ILE A 183 11.78 36.19 -7.47
CA ILE A 183 11.67 36.59 -8.86
C ILE A 183 12.32 35.66 -9.92
N PRO A 184 13.54 35.15 -9.66
CA PRO A 184 14.15 34.26 -10.67
C PRO A 184 13.32 33.01 -10.98
N TYR A 185 12.45 32.60 -10.07
CA TYR A 185 11.62 31.42 -10.31
C TYR A 185 10.30 31.69 -11.01
N LEU A 186 9.90 32.96 -11.09
CA LEU A 186 8.55 33.31 -11.54
C LEU A 186 8.38 33.29 -13.06
N ARG A 187 7.13 33.23 -13.55
CA ARG A 187 6.93 33.16 -14.99
C ARG A 187 6.61 34.61 -15.39
N LEU A 188 7.65 35.34 -15.79
CA LEU A 188 7.48 36.77 -16.07
C LEU A 188 7.53 37.24 -17.54
N GLY A 189 7.93 36.33 -18.42
CA GLY A 189 8.16 36.67 -19.82
C GLY A 189 6.89 36.61 -20.63
N GLY B 11 -4.99 3.99 41.28
CA GLY B 11 -4.98 3.82 39.84
C GLY B 11 -4.91 2.36 39.42
N MET B 12 -4.90 2.13 38.11
CA MET B 12 -4.79 0.77 37.56
C MET B 12 -3.84 0.72 36.34
N LEU B 13 -2.84 -0.15 36.43
CA LEU B 13 -1.83 -0.28 35.39
C LEU B 13 -1.86 -1.67 34.74
N ILE B 14 -2.21 -1.74 33.47
CA ILE B 14 -2.31 -3.04 32.78
C ILE B 14 -1.22 -3.22 31.74
N ALA B 15 -0.41 -4.26 31.89
CA ALA B 15 0.62 -4.55 30.88
C ALA B 15 0.04 -5.37 29.73
N ILE B 16 0.33 -4.96 28.50
CA ILE B 16 0.04 -5.78 27.35
C ILE B 16 1.38 -6.24 26.81
N THR B 17 1.65 -7.54 26.91
CA THR B 17 2.94 -8.08 26.49
C THR B 17 2.76 -9.30 25.58
N GLY B 18 3.88 -9.79 25.08
CA GLY B 18 3.89 -10.94 24.19
C GLY B 18 5.03 -10.77 23.22
N THR B 19 5.24 -11.79 22.38
CA THR B 19 6.37 -11.81 21.45
C THR B 19 6.24 -10.66 20.47
N PRO B 20 7.38 -10.05 20.05
CA PRO B 20 7.29 -9.05 18.99
C PRO B 20 6.46 -9.60 17.83
N GLY B 21 5.50 -8.81 17.35
CA GLY B 21 4.65 -9.22 16.23
C GLY B 21 3.31 -9.83 16.60
N VAL B 22 3.06 -10.05 17.88
CA VAL B 22 1.82 -10.70 18.33
C VAL B 22 0.59 -9.78 18.28
N GLY B 23 0.84 -8.48 18.11
CA GLY B 23 -0.24 -7.50 18.15
C GLY B 23 -0.37 -6.63 19.38
N LYS B 24 0.67 -6.56 20.20
CA LYS B 24 0.63 -5.77 21.43
C LYS B 24 0.13 -4.35 21.21
N THR B 25 0.69 -3.64 20.24
CA THR B 25 0.37 -2.23 20.06
C THR B 25 -1.09 -2.02 19.62
N THR B 26 -1.50 -2.82 18.63
CA THR B 26 -2.88 -2.81 18.13
C THR B 26 -3.90 -3.02 19.25
N ILE B 27 -3.69 -4.11 19.97
CA ILE B 27 -4.57 -4.52 21.05
C ILE B 27 -4.56 -3.51 22.18
N ALA B 28 -3.37 -3.00 22.53
CA ALA B 28 -3.23 -2.05 23.64
C ALA B 28 -3.98 -0.76 23.34
N LYS B 29 -3.80 -0.25 22.13
CA LYS B 29 -4.48 0.98 21.72
C LYS B 29 -5.99 0.78 21.79
N LEU B 30 -6.48 -0.28 21.15
CA LEU B 30 -7.94 -0.49 21.18
C LEU B 30 -8.47 -0.73 22.61
N LEU B 31 -7.70 -1.39 23.46
CA LEU B 31 -8.12 -1.68 24.83
C LEU B 31 -8.19 -0.40 25.67
N ALA B 32 -7.18 0.46 25.55
CA ALA B 32 -7.18 1.72 26.26
C ALA B 32 -8.37 2.53 25.83
N GLU B 33 -8.60 2.55 24.51
CA GLU B 33 -9.74 3.27 23.96
C GLU B 33 -11.05 2.78 24.57
N LYS B 34 -11.27 1.47 24.54
CA LYS B 34 -12.50 0.89 25.05
C LYS B 34 -12.68 1.07 26.56
N LEU B 35 -11.56 1.08 27.29
CA LEU B 35 -11.58 1.20 28.75
C LEU B 35 -11.60 2.65 29.24
N GLY B 36 -11.33 3.58 28.33
CA GLY B 36 -11.17 4.96 28.72
C GLY B 36 -9.90 5.16 29.53
N TYR B 37 -8.92 4.30 29.29
CA TYR B 37 -7.62 4.47 29.93
C TYR B 37 -6.67 5.23 29.01
N GLU B 38 -5.49 5.55 29.54
CA GLU B 38 -4.46 6.17 28.72
C GLU B 38 -3.64 5.06 28.09
N TYR B 39 -3.29 5.23 26.83
CA TYR B 39 -2.33 4.31 26.21
C TYR B 39 -0.92 4.84 26.42
N VAL B 40 -0.02 3.98 26.87
CA VAL B 40 1.39 4.33 26.98
C VAL B 40 2.28 3.25 26.37
N ASN B 41 3.06 3.63 25.36
CA ASN B 41 4.05 2.74 24.77
C ASN B 41 5.29 2.76 25.65
N LEU B 42 5.75 1.59 26.08
CA LEU B 42 6.83 1.55 27.08
C LEU B 42 8.15 2.10 26.56
N ARG B 43 8.50 1.78 25.31
CA ARG B 43 9.70 2.31 24.68
C ARG B 43 9.69 3.85 24.63
N ASP B 44 8.61 4.39 24.10
CA ASP B 44 8.47 5.85 23.98
C ASP B 44 8.59 6.48 25.37
N PHE B 45 7.89 5.92 26.34
CA PHE B 45 7.99 6.35 27.73
C PHE B 45 9.44 6.35 28.25
N ALA B 46 10.18 5.29 27.95
CA ALA B 46 11.57 5.18 28.38
C ALA B 46 12.36 6.32 27.79
N LEU B 47 12.07 6.63 26.53
CA LEU B 47 12.77 7.71 25.84
C LEU B 47 12.48 9.07 26.45
N GLU B 48 11.20 9.36 26.68
CA GLU B 48 10.80 10.69 27.16
C GLU B 48 11.23 10.93 28.61
N LYS B 49 11.48 9.85 29.35
CA LYS B 49 11.92 9.97 30.73
C LYS B 49 13.43 10.00 30.89
N GLY B 50 14.15 9.97 29.77
CA GLY B 50 15.60 10.04 29.80
C GLY B 50 16.26 8.74 30.20
N CYS B 51 15.52 7.65 30.14
CA CYS B 51 16.07 6.33 30.48
C CYS B 51 16.95 5.79 29.37
N GLY B 52 16.58 6.07 28.13
CA GLY B 52 17.35 5.58 26.99
C GLY B 52 18.63 6.36 26.80
N VAL B 59 16.82 1.19 21.33
N VAL B 59 20.63 2.39 21.81
CA VAL B 59 16.71 1.97 22.54
CA VAL B 59 19.92 3.02 22.94
C VAL B 59 17.10 1.15 23.78
C VAL B 59 19.29 1.98 23.86
N GLU B 60 18.27 1.45 24.34
N GLU B 60 20.00 1.62 24.93
CA GLU B 60 18.80 0.66 25.44
CA GLU B 60 19.55 0.58 25.86
C GLU B 60 18.49 1.27 26.80
C GLU B 60 18.88 1.17 27.09
N VAL B 61 17.91 0.46 27.67
CA VAL B 61 17.40 0.87 28.98
C VAL B 61 17.85 -0.03 30.13
N GLU B 62 18.01 0.57 31.31
CA GLU B 62 18.22 -0.21 32.51
C GLU B 62 16.83 -0.59 33.02
N ILE B 63 16.57 -1.88 33.12
CA ILE B 63 15.20 -2.33 33.40
C ILE B 63 14.71 -1.86 34.76
N ASP B 64 15.54 -1.99 35.78
CA ASP B 64 15.12 -1.52 37.11
C ASP B 64 14.84 0.00 37.15
N GLU B 65 15.66 0.78 36.43
CA GLU B 65 15.46 2.22 36.37
C GLU B 65 14.10 2.55 35.74
N LEU B 66 13.86 1.91 34.60
CA LEU B 66 12.60 2.07 33.86
C LEU B 66 11.45 1.70 34.78
N ALA B 67 11.61 0.62 35.54
CA ALA B 67 10.59 0.20 36.48
C ALA B 67 10.31 1.28 37.53
N TYR B 68 11.39 1.89 38.01
CA TYR B 68 11.28 2.96 39.00
C TYR B 68 10.42 4.08 38.41
N PHE B 69 10.75 4.50 37.19
CA PHE B 69 9.95 5.57 36.56
C PHE B 69 8.49 5.20 36.29
N VAL B 70 8.25 3.97 35.85
CA VAL B 70 6.88 3.52 35.61
C VAL B 70 6.09 3.60 36.92
N GLU B 71 6.66 3.09 38.00
CA GLU B 71 6.00 3.12 39.29
C GLU B 71 5.72 4.55 39.73
N LYS B 72 6.74 5.39 39.61
CA LYS B 72 6.65 6.77 40.08
C LYS B 72 5.62 7.60 39.30
N GLU B 73 5.72 7.59 37.98
CA GLU B 73 4.84 8.42 37.14
C GLU B 73 3.46 7.84 36.84
N LEU B 74 3.40 6.55 36.52
CA LEU B 74 2.14 5.92 36.11
C LEU B 74 1.15 5.38 37.19
N LYS B 75 1.68 4.80 38.27
CA LYS B 75 0.87 3.90 39.12
C LYS B 75 -0.41 4.49 39.72
N ASP B 76 -0.50 5.81 39.82
CA ASP B 76 -1.74 6.47 40.25
C ASP B 76 -2.71 6.81 39.12
N ARG B 77 -2.40 6.42 37.89
CA ARG B 77 -3.29 6.70 36.78
C ARG B 77 -3.89 5.40 36.22
N ASN B 78 -4.78 5.51 35.25
CA ASN B 78 -5.30 4.32 34.58
C ASN B 78 -4.63 4.19 33.22
N VAL B 79 -3.78 3.17 33.09
CA VAL B 79 -2.88 3.08 31.98
C VAL B 79 -2.83 1.67 31.40
N VAL B 80 -2.93 1.57 30.09
CA VAL B 80 -2.58 0.36 29.35
C VAL B 80 -1.17 0.55 28.82
N LEU B 81 -0.27 -0.30 29.31
CA LEU B 81 1.15 -0.18 29.02
C LEU B 81 1.59 -1.22 28.01
N ASP B 82 2.09 -0.74 26.88
CA ASP B 82 2.39 -1.57 25.71
C ASP B 82 3.90 -1.83 25.55
N GLY B 83 4.28 -3.09 25.65
CA GLY B 83 5.63 -3.50 25.30
C GLY B 83 5.97 -4.93 25.72
N HIS B 84 7.04 -5.46 25.12
CA HIS B 84 7.43 -6.83 25.40
C HIS B 84 8.16 -6.90 26.73
N LEU B 85 8.49 -5.72 27.26
CA LEU B 85 9.00 -5.61 28.63
C LEU B 85 7.97 -5.21 29.69
N SER B 86 6.72 -5.01 29.29
CA SER B 86 5.74 -4.39 30.21
C SER B 86 5.44 -5.25 31.42
N HIS B 87 5.55 -6.56 31.25
CA HIS B 87 5.26 -7.46 32.36
C HIS B 87 6.42 -7.47 33.37
N LEU B 88 7.56 -6.87 33.01
CA LEU B 88 8.66 -6.73 33.96
C LEU B 88 8.58 -5.42 34.76
N MET B 89 7.57 -4.62 34.46
CA MET B 89 7.32 -3.35 35.17
C MET B 89 6.41 -3.62 36.37
N PRO B 90 6.39 -2.71 37.37
CA PRO B 90 5.50 -3.02 38.50
C PRO B 90 4.02 -2.79 38.19
N VAL B 91 3.39 -3.68 37.43
CA VAL B 91 2.00 -3.43 37.02
C VAL B 91 1.00 -4.15 37.92
N ASP B 92 -0.28 -3.85 37.72
CA ASP B 92 -1.36 -4.50 38.46
C ASP B 92 -1.85 -5.82 37.86
N LEU B 93 -1.84 -5.88 36.54
CA LEU B 93 -2.32 -7.02 35.78
C LEU B 93 -1.51 -7.17 34.51
N VAL B 94 -1.20 -8.40 34.15
CA VAL B 94 -0.47 -8.68 32.90
C VAL B 94 -1.38 -9.40 31.92
N VAL B 95 -1.45 -8.91 30.70
CA VAL B 95 -2.12 -9.63 29.62
C VAL B 95 -1.05 -10.15 28.67
N VAL B 96 -0.90 -11.47 28.57
CA VAL B 96 0.05 -12.05 27.63
C VAL B 96 -0.67 -12.51 26.38
N LEU B 97 -0.43 -11.81 25.28
CA LEU B 97 -1.01 -12.15 24.00
C LEU B 97 -0.19 -13.27 23.36
N ARG B 98 -0.87 -14.24 22.76
CA ARG B 98 -0.22 -15.35 22.05
C ARG B 98 -0.70 -15.34 20.60
N ALA B 99 0.11 -15.90 19.71
CA ALA B 99 -0.29 -16.11 18.34
C ALA B 99 0.49 -17.30 17.80
N HIS B 100 -0.09 -18.00 16.83
CA HIS B 100 0.56 -19.11 16.15
C HIS B 100 1.93 -18.62 15.68
N PRO B 101 3.02 -19.35 16.04
CA PRO B 101 4.35 -18.82 15.74
C PRO B 101 4.62 -18.54 14.25
N ARG B 102 3.89 -19.19 13.36
CA ARG B 102 4.02 -18.92 11.93
C ARG B 102 3.53 -17.50 11.63
N ILE B 103 2.53 -17.05 12.38
CA ILE B 103 2.00 -15.71 12.19
C ILE B 103 3.01 -14.67 12.67
N ILE B 104 3.63 -14.95 13.81
CA ILE B 104 4.79 -14.18 14.26
C ILE B 104 5.82 -14.12 13.12
N GLY B 105 6.16 -15.26 12.53
CA GLY B 105 7.17 -15.30 11.50
C GLY B 105 6.86 -14.39 10.33
N GLU B 106 5.64 -14.52 9.81
CA GLU B 106 5.21 -13.72 8.66
C GLU B 106 5.21 -12.22 8.98
N ARG B 107 4.66 -11.86 10.13
CA ARG B 107 4.61 -10.44 10.50
C ARG B 107 6.00 -9.83 10.68
N LEU B 108 6.90 -10.59 11.31
CA LEU B 108 8.26 -10.13 11.53
C LEU B 108 9.08 -10.07 10.23
N ARG B 109 8.77 -10.96 9.28
CA ARG B 109 9.38 -10.85 7.96
C ARG B 109 8.96 -9.55 7.32
N GLU B 110 7.65 -9.30 7.37
CA GLU B 110 7.12 -8.05 6.82
C GLU B 110 7.77 -6.83 7.45
N ARG B 111 8.14 -6.94 8.73
CA ARG B 111 8.85 -5.84 9.41
C ARG B 111 10.30 -5.62 8.94
N GLY B 112 10.86 -6.62 8.27
CA GLY B 112 12.23 -6.54 7.81
C GLY B 112 13.26 -6.99 8.83
N TYR B 113 12.83 -7.78 9.81
CA TYR B 113 13.78 -8.39 10.74
C TYR B 113 14.65 -9.40 9.97
N SER B 114 15.87 -9.61 10.43
CA SER B 114 16.77 -10.59 9.82
C SER B 114 16.24 -12.01 10.05
N LYS B 115 16.69 -12.96 9.24
CA LYS B 115 16.29 -14.36 9.41
C LYS B 115 16.52 -14.87 10.84
N GLU B 116 17.70 -14.56 11.39
CA GLU B 116 18.01 -14.98 12.75
C GLU B 116 17.10 -14.32 13.80
N LYS B 117 16.78 -13.05 13.60
CA LYS B 117 15.94 -12.34 14.58
C LYS B 117 14.49 -12.85 14.52
N ILE B 118 14.00 -13.07 13.30
CA ILE B 118 12.69 -13.68 13.09
C ILE B 118 12.67 -15.03 13.79
N GLY B 119 13.65 -15.88 13.48
CA GLY B 119 13.73 -17.21 14.06
C GLY B 119 13.76 -17.22 15.58
N GLU B 120 14.56 -16.33 16.16
CA GLU B 120 14.62 -16.28 17.61
C GLU B 120 13.27 -15.87 18.21
N ASN B 121 12.60 -14.88 17.61
CA ASN B 121 11.27 -14.52 18.14
C ASN B 121 10.20 -15.61 17.95
N VAL B 122 10.24 -16.25 16.80
CA VAL B 122 9.33 -17.36 16.53
C VAL B 122 9.53 -18.47 17.56
N GLU B 123 10.78 -18.83 17.81
CA GLU B 123 11.07 -19.83 18.85
C GLU B 123 10.61 -19.35 20.23
N ALA B 124 10.78 -18.06 20.53
CA ALA B 124 10.31 -17.53 21.80
C ALA B 124 8.81 -17.73 21.96
N GLU B 125 8.06 -17.51 20.88
CA GLU B 125 6.62 -17.74 20.97
C GLU B 125 6.33 -19.22 21.16
N LEU B 126 7.05 -20.06 20.41
CA LEU B 126 6.87 -21.51 20.54
C LEU B 126 7.03 -22.02 21.98
N VAL B 127 8.05 -21.52 22.67
CA VAL B 127 8.38 -22.03 24.01
C VAL B 127 7.75 -21.24 25.17
N ASP B 128 6.85 -20.31 24.85
CA ASP B 128 6.10 -19.56 25.87
C ASP B 128 7.01 -18.66 26.71
N ALA B 129 8.05 -18.10 26.11
CA ALA B 129 9.08 -17.40 26.90
C ALA B 129 8.51 -16.27 27.75
N ILE B 130 7.73 -15.40 27.11
CA ILE B 130 7.13 -14.25 27.79
C ILE B 130 6.15 -14.72 28.86
N LEU B 131 5.27 -15.65 28.51
CA LEU B 131 4.32 -16.19 29.49
C LEU B 131 5.05 -16.67 30.74
N ILE B 132 6.14 -17.42 30.53
CA ILE B 132 6.92 -17.92 31.64
C ILE B 132 7.51 -16.78 32.50
N GLU B 133 8.07 -15.77 31.83
CA GLU B 133 8.54 -14.57 32.55
C GLU B 133 7.45 -13.92 33.40
N ALA B 134 6.28 -13.72 32.81
CA ALA B 134 5.19 -13.00 33.47
C ALA B 134 4.76 -13.76 34.69
N ILE B 135 4.63 -15.07 34.51
CA ILE B 135 4.28 -15.94 35.63
C ILE B 135 5.33 -15.89 36.73
N ASP B 136 6.62 -15.82 36.38
CA ASP B 136 7.64 -15.66 37.42
C ASP B 136 7.53 -14.31 38.14
N GLU B 137 7.20 -13.26 37.40
CA GLU B 137 7.13 -11.90 37.97
C GLU B 137 5.84 -11.52 38.69
N HIS B 138 4.70 -11.96 38.19
CA HIS B 138 3.43 -11.45 38.72
C HIS B 138 2.43 -12.54 39.00
N GLU B 139 1.59 -12.30 39.98
CA GLU B 139 0.55 -13.24 40.35
C GLU B 139 -0.63 -13.12 39.37
N ASN B 140 -0.95 -11.91 38.92
CA ASN B 140 -2.13 -11.79 38.06
C ASN B 140 -1.74 -11.72 36.60
N VAL B 141 -1.95 -12.84 35.91
CA VAL B 141 -1.51 -12.99 34.54
C VAL B 141 -2.62 -13.67 33.76
N ILE B 142 -3.11 -12.98 32.75
CA ILE B 142 -4.15 -13.50 31.87
C ILE B 142 -3.59 -13.68 30.46
N GLU B 143 -3.59 -14.93 30.00
CA GLU B 143 -3.08 -15.28 28.66
C GLU B 143 -4.25 -15.29 27.69
N VAL B 144 -4.08 -14.71 26.50
CA VAL B 144 -5.13 -14.68 25.48
C VAL B 144 -4.58 -15.09 24.11
N ASP B 145 -5.24 -16.05 23.45
CA ASP B 145 -4.80 -16.48 22.12
C ASP B 145 -5.44 -15.59 21.07
N THR B 146 -4.61 -14.89 20.29
CA THR B 146 -5.14 -13.94 19.31
C THR B 146 -5.50 -14.60 17.99
N THR B 147 -5.10 -15.87 17.82
CA THR B 147 -5.19 -16.54 16.53
C THR B 147 -6.61 -16.56 15.98
N ASN B 148 -6.74 -16.13 14.73
CA ASN B 148 -8.04 -16.10 14.05
C ASN B 148 -9.09 -15.24 14.75
N LYS B 149 -8.64 -14.22 15.47
CA LYS B 149 -9.55 -13.26 16.08
C LYS B 149 -9.21 -11.85 15.63
N THR B 150 -10.23 -11.01 15.55
CA THR B 150 -10.04 -9.60 15.26
C THR B 150 -9.64 -8.89 16.53
N PRO B 151 -9.01 -7.71 16.38
CA PRO B 151 -8.66 -6.94 17.58
C PRO B 151 -9.89 -6.63 18.44
N GLU B 152 -11.04 -6.37 17.83
CA GLU B 152 -12.25 -6.14 18.61
C GLU B 152 -12.61 -7.38 19.44
N GLU B 153 -12.61 -8.56 18.82
CA GLU B 153 -12.86 -9.82 19.54
C GLU B 153 -11.87 -10.03 20.68
N ILE B 154 -10.60 -9.73 20.43
CA ILE B 154 -9.57 -9.93 21.44
C ILE B 154 -9.77 -8.99 22.63
N VAL B 155 -10.07 -7.72 22.32
CA VAL B 155 -10.33 -6.75 23.37
C VAL B 155 -11.57 -7.12 24.18
N GLU B 156 -12.63 -7.56 23.51
CA GLU B 156 -13.83 -7.96 24.23
C GLU B 156 -13.55 -9.17 25.12
N GLU B 157 -12.72 -10.09 24.64
CA GLU B 157 -12.34 -11.22 25.46
C GLU B 157 -11.60 -10.77 26.73
N ILE B 158 -10.62 -9.88 26.55
CA ILE B 158 -9.86 -9.37 27.70
C ILE B 158 -10.77 -8.67 28.72
N ILE B 159 -11.60 -7.76 28.22
CA ILE B 159 -12.52 -7.05 29.08
C ILE B 159 -13.43 -8.02 29.81
N GLY B 160 -13.94 -9.02 29.10
CA GLY B 160 -14.83 -10.02 29.68
C GLY B 160 -14.15 -10.82 30.76
N LEU B 161 -12.85 -11.06 30.60
CA LEU B 161 -12.08 -11.76 31.62
C LEU B 161 -11.92 -10.88 32.86
N ILE B 162 -11.54 -9.62 32.64
CA ILE B 162 -11.38 -8.67 33.73
C ILE B 162 -12.69 -8.47 34.52
N LYS B 163 -13.82 -8.44 33.82
CA LYS B 163 -15.13 -8.27 34.44
C LYS B 163 -15.58 -9.45 35.30
N SER B 164 -15.05 -10.64 35.01
CA SER B 164 -15.47 -11.90 35.66
C SER B 164 -15.30 -12.08 37.19
N GLY B 165 -14.36 -11.37 37.82
CA GLY B 165 -13.10 -10.99 37.20
C GLY B 165 -12.12 -12.11 37.43
N VAL B 166 -11.28 -12.36 36.42
CA VAL B 166 -10.25 -13.38 36.54
C VAL B 166 -8.95 -12.68 36.85
N LYS B 167 -8.24 -13.16 37.88
CA LYS B 167 -6.89 -12.68 38.15
C LYS B 167 -5.83 -13.37 37.27
N ARG B 168 -6.03 -14.67 37.06
CA ARG B 168 -5.05 -15.50 36.40
C ARG B 168 -5.65 -16.53 35.44
N ARG B 169 -5.30 -16.46 34.16
CA ARG B 169 -5.58 -17.58 33.27
C ARG B 169 -4.39 -17.85 32.38
N VAL B 170 -3.77 -19.02 32.55
CA VAL B 170 -2.55 -19.36 31.81
C VAL B 170 -2.57 -20.83 31.37
N GLY B 171 -1.76 -21.16 30.37
CA GLY B 171 -1.69 -22.52 29.85
C GLY B 171 -2.76 -22.85 28.81
N ILE B 172 -3.24 -21.84 28.09
CA ILE B 172 -4.33 -22.05 27.12
C ILE B 172 -3.90 -22.35 25.67
N VAL B 173 -2.61 -22.25 25.36
CA VAL B 173 -2.16 -22.67 24.03
C VAL B 173 -0.96 -23.60 24.17
N ASP B 174 -0.86 -24.58 23.29
CA ASP B 174 0.34 -25.38 23.24
C ASP B 174 0.81 -25.41 21.79
N TRP B 175 1.89 -24.70 21.48
CA TRP B 175 2.28 -24.58 20.07
C TRP B 175 3.09 -25.80 19.59
N SER B 176 3.47 -26.69 20.51
CA SER B 176 4.11 -27.95 20.09
C SER B 176 3.16 -28.65 19.11
N GLU B 177 1.87 -28.46 19.30
CA GLU B 177 0.86 -29.08 18.45
C GLU B 177 0.97 -28.65 16.99
N VAL B 178 1.48 -27.46 16.79
CA VAL B 178 1.72 -26.96 15.44
C VAL B 178 3.18 -27.05 14.96
N TYR B 179 4.04 -27.72 15.73
CA TYR B 179 5.49 -27.64 15.47
C TYR B 179 5.87 -27.76 13.99
N ASP B 180 5.28 -28.72 13.29
CA ASP B 180 5.62 -28.95 11.89
C ASP B 180 5.35 -27.76 10.96
N GLU B 181 4.31 -26.99 11.28
CA GLU B 181 3.94 -25.83 10.48
C GLU B 181 4.96 -24.71 10.67
N ILE B 182 5.66 -24.71 11.80
CA ILE B 182 6.60 -23.61 12.01
C ILE B 182 8.07 -23.87 11.70
N ILE B 183 8.40 -25.11 11.36
CA ILE B 183 9.78 -25.47 11.02
C ILE B 183 10.55 -24.50 10.09
N PRO B 184 9.91 -23.99 9.01
CA PRO B 184 10.69 -23.09 8.13
C PRO B 184 11.21 -21.81 8.81
N TYR B 185 10.60 -21.40 9.93
CA TYR B 185 11.07 -20.22 10.66
C TYR B 185 12.08 -20.50 11.78
N LEU B 186 12.25 -21.76 12.13
CA LEU B 186 13.07 -22.17 13.29
C LEU B 186 14.56 -22.12 12.95
N ARG B 187 15.44 -22.01 13.94
CA ARG B 187 16.85 -21.90 13.57
C ARG B 187 17.36 -23.31 13.75
N LEU B 188 17.41 -24.04 12.65
CA LEU B 188 17.81 -25.45 12.66
C LEU B 188 19.22 -25.75 12.17
N GLY B 189 19.94 -24.73 11.71
CA GLY B 189 21.25 -24.95 11.12
C GLY B 189 22.33 -25.14 12.16
N GLY B 190 24.25 -27.31 11.29
CA GLY B 190 25.37 -26.53 11.78
C GLY B 190 26.26 -27.33 12.71
N MET C 12 37.55 10.02 -25.24
CA MET C 12 36.99 8.82 -24.61
C MET C 12 35.77 8.99 -23.70
N LEU C 13 34.74 8.22 -24.01
CA LEU C 13 33.48 8.26 -23.29
C LEU C 13 33.31 6.93 -22.55
N ILE C 14 33.37 6.99 -21.22
CA ILE C 14 33.30 5.78 -20.40
C ILE C 14 31.99 5.71 -19.62
N ALA C 15 31.21 4.66 -19.81
CA ALA C 15 29.99 4.50 -19.01
C ALA C 15 30.27 3.74 -17.72
N ILE C 16 29.69 4.23 -16.64
CA ILE C 16 29.70 3.50 -15.37
C ILE C 16 28.27 3.05 -15.10
N THR C 17 28.04 1.73 -15.17
CA THR C 17 26.69 1.23 -15.00
C THR C 17 26.63 0.11 -13.96
N GLY C 18 25.41 -0.34 -13.67
CA GLY C 18 25.18 -1.41 -12.72
C GLY C 18 23.84 -1.21 -12.04
N THR C 19 23.45 -2.18 -11.21
CA THR C 19 22.17 -2.13 -10.48
C THR C 19 22.15 -0.89 -9.59
N PRO C 20 20.98 -0.23 -9.48
CA PRO C 20 20.85 0.90 -8.55
C PRO C 20 21.36 0.52 -7.16
N GLY C 21 22.19 1.38 -6.57
CA GLY C 21 22.71 1.15 -5.24
C GLY C 21 24.08 0.53 -5.19
N VAL C 22 24.64 0.21 -6.36
CA VAL C 22 25.91 -0.48 -6.43
C VAL C 22 27.10 0.46 -6.18
N GLY C 23 26.87 1.77 -6.21
CA GLY C 23 27.95 2.73 -6.06
C GLY C 23 28.38 3.48 -7.32
N LYS C 24 27.54 3.44 -8.36
CA LYS C 24 27.83 4.10 -9.63
C LYS C 24 28.26 5.57 -9.46
N THR C 25 27.47 6.34 -8.72
CA THR C 25 27.74 7.79 -8.61
C THR C 25 29.06 8.05 -7.91
N THR C 26 29.26 7.37 -6.79
CA THR C 26 30.48 7.45 -6.01
C THR C 26 31.71 7.15 -6.87
N ILE C 27 31.67 5.96 -7.49
CA ILE C 27 32.80 5.51 -8.30
C ILE C 27 33.05 6.41 -9.50
N ALA C 28 31.97 6.87 -10.14
CA ALA C 28 32.10 7.73 -11.32
C ALA C 28 32.73 9.07 -10.95
N LYS C 29 32.25 9.66 -9.86
CA LYS C 29 32.84 10.92 -9.40
C LYS C 29 34.32 10.75 -9.10
N LEU C 30 34.65 9.72 -8.31
CA LEU C 30 36.05 9.52 -7.94
C LEU C 30 36.94 9.23 -9.16
N LEU C 31 36.39 8.49 -10.12
CA LEU C 31 37.13 8.13 -11.33
C LEU C 31 37.35 9.34 -12.22
N ALA C 32 36.31 10.15 -12.37
CA ALA C 32 36.43 11.37 -13.16
C ALA C 32 37.49 12.26 -12.54
N GLU C 33 37.42 12.40 -11.22
CA GLU C 33 38.38 13.21 -10.49
C GLU C 33 39.81 12.71 -10.68
N LYS C 34 40.03 11.43 -10.41
CA LYS C 34 41.37 10.88 -10.48
C LYS C 34 41.93 10.89 -11.91
N LEU C 35 41.04 10.78 -12.90
CA LEU C 35 41.44 10.81 -14.30
C LEU C 35 41.49 12.23 -14.86
N GLY C 36 40.86 13.17 -14.17
CA GLY C 36 40.72 14.51 -14.70
C GLY C 36 39.77 14.58 -15.89
N TYR C 37 38.79 13.67 -15.92
CA TYR C 37 37.74 13.73 -16.94
C TYR C 37 36.55 14.50 -16.40
N GLU C 38 35.55 14.74 -17.23
CA GLU C 38 34.35 15.41 -16.78
C GLU C 38 33.37 14.39 -16.23
N TYR C 39 32.74 14.71 -15.10
CA TYR C 39 31.69 13.87 -14.59
C TYR C 39 30.37 14.28 -15.24
N VAL C 40 29.63 13.32 -15.77
CA VAL C 40 28.31 13.63 -16.30
C VAL C 40 27.30 12.62 -15.80
N ASN C 41 26.29 13.10 -15.09
CA ASN C 41 25.20 12.23 -14.69
C ASN C 41 24.15 12.15 -15.79
N LEU C 42 23.84 10.91 -16.19
CA LEU C 42 22.99 10.71 -17.37
C LEU C 42 21.57 11.26 -17.16
N ARG C 43 21.04 11.14 -15.95
CA ARG C 43 19.73 11.68 -15.65
C ARG C 43 19.67 13.19 -15.84
N ASP C 44 20.61 13.88 -15.20
CA ASP C 44 20.70 15.34 -15.29
C ASP C 44 20.90 15.77 -16.74
N PHE C 45 21.83 15.12 -17.42
CA PHE C 45 22.07 15.38 -18.83
C PHE C 45 20.77 15.23 -19.63
N ALA C 46 20.02 14.17 -19.35
CA ALA C 46 18.78 13.94 -20.08
C ALA C 46 17.79 15.06 -19.84
N LEU C 47 17.73 15.53 -18.59
CA LEU C 47 16.79 16.59 -18.24
C LEU C 47 17.16 17.87 -18.97
N GLU C 48 18.43 18.25 -18.92
CA GLU C 48 18.85 19.52 -19.48
C GLU C 48 18.93 19.56 -21.01
N LYS C 49 19.01 18.39 -21.65
CA LYS C 49 19.01 18.33 -23.11
C LYS C 49 17.60 18.11 -23.66
N GLY C 50 16.64 18.03 -22.74
CA GLY C 50 15.24 17.89 -23.08
C GLY C 50 14.77 16.50 -23.52
N CYS C 51 15.63 15.49 -23.35
CA CYS C 51 15.23 14.11 -23.65
C CYS C 51 14.41 13.58 -22.49
N GLY C 52 14.89 13.89 -21.28
CA GLY C 52 14.25 13.48 -20.06
C GLY C 52 13.01 14.29 -19.75
N ARG C 53 11.94 13.59 -19.39
CA ARG C 53 10.69 14.23 -19.01
C ARG C 53 10.19 13.59 -17.72
N GLU C 54 9.94 14.41 -16.70
CA GLU C 54 9.60 13.90 -15.38
C GLU C 54 8.17 13.36 -15.29
N VAL C 55 8.05 12.11 -14.85
CA VAL C 55 6.75 11.49 -14.60
C VAL C 55 6.67 10.69 -13.29
N ASP C 56 5.87 11.16 -12.34
CA ASP C 56 5.32 10.34 -11.25
C ASP C 56 6.17 9.25 -10.55
N GLY C 57 7.29 9.55 -9.90
CA GLY C 57 8.06 10.78 -9.97
C GLY C 57 9.36 10.59 -10.73
N GLU C 58 9.41 9.61 -11.63
CA GLU C 58 10.66 9.26 -12.32
C GLU C 58 10.96 10.14 -13.53
N VAL C 59 12.14 9.93 -14.12
CA VAL C 59 12.55 10.66 -15.31
C VAL C 59 12.52 9.70 -16.49
N GLU C 60 11.63 9.98 -17.43
CA GLU C 60 11.40 9.10 -18.56
C GLU C 60 12.20 9.62 -19.74
N VAL C 61 12.95 8.72 -20.38
CA VAL C 61 13.83 9.13 -21.47
C VAL C 61 13.63 8.32 -22.74
N GLU C 62 13.76 8.99 -23.88
CA GLU C 62 13.78 8.31 -25.16
C GLU C 62 15.24 7.92 -25.42
N ILE C 63 15.49 6.62 -25.48
CA ILE C 63 16.87 6.11 -25.54
C ILE C 63 17.62 6.50 -26.82
N ASP C 64 16.96 6.42 -27.96
CA ASP C 64 17.58 6.80 -29.23
C ASP C 64 17.98 8.29 -29.23
N GLU C 65 17.07 9.12 -28.73
CA GLU C 65 17.27 10.56 -28.67
C GLU C 65 18.41 10.91 -27.70
N LEU C 66 18.37 10.29 -26.53
CA LEU C 66 19.42 10.49 -25.54
C LEU C 66 20.78 10.09 -26.10
N ALA C 67 20.81 8.95 -26.78
CA ALA C 67 22.04 8.46 -27.40
C ALA C 67 22.53 9.46 -28.45
N TYR C 68 21.58 10.06 -29.19
CA TYR C 68 21.93 11.08 -30.15
C TYR C 68 22.65 12.24 -29.48
N PHE C 69 22.03 12.78 -28.43
CA PHE C 69 22.63 13.94 -27.76
C PHE C 69 23.98 13.61 -27.10
N VAL C 70 24.09 12.42 -26.53
CA VAL C 70 25.35 11.96 -25.95
C VAL C 70 26.41 11.92 -27.05
N GLU C 71 26.04 11.34 -28.17
CA GLU C 71 26.93 11.20 -29.32
C GLU C 71 27.43 12.55 -29.81
N LYS C 72 26.51 13.50 -29.97
CA LYS C 72 26.88 14.83 -30.46
C LYS C 72 27.71 15.65 -29.48
N GLU C 73 27.20 15.80 -28.26
CA GLU C 73 27.83 16.68 -27.29
C GLU C 73 29.04 16.06 -26.58
N LEU C 74 28.88 14.84 -26.09
CA LEU C 74 29.90 14.19 -25.27
C LEU C 74 31.04 13.44 -25.98
N LYS C 75 30.71 12.69 -27.02
CA LYS C 75 31.58 11.63 -27.55
C LYS C 75 32.97 12.10 -27.99
N ASP C 76 33.09 13.40 -28.28
CA ASP C 76 34.37 13.99 -28.65
C ASP C 76 35.16 14.54 -27.44
N ARG C 77 34.63 14.35 -26.25
CA ARG C 77 35.28 14.82 -25.01
C ARG C 77 35.72 13.64 -24.14
N ASN C 78 36.36 13.94 -23.01
CA ASN C 78 36.69 12.90 -22.04
C ASN C 78 35.72 12.91 -20.87
N VAL C 79 34.87 11.89 -20.82
CA VAL C 79 33.70 11.91 -19.95
C VAL C 79 33.49 10.59 -19.20
N VAL C 80 33.25 10.68 -17.89
CA VAL C 80 32.73 9.57 -17.11
C VAL C 80 31.23 9.76 -16.99
N LEU C 81 30.47 8.84 -17.59
CA LEU C 81 29.02 8.96 -17.69
C LEU C 81 28.34 8.02 -16.71
N ASP C 82 27.57 8.60 -15.80
CA ASP C 82 27.02 7.90 -14.66
C ASP C 82 25.51 7.63 -14.78
N GLY C 83 25.16 6.35 -14.85
CA GLY C 83 23.77 5.92 -14.79
C GLY C 83 23.54 4.46 -15.15
N HIS C 84 22.39 3.93 -14.74
CA HIS C 84 22.08 2.54 -15.06
C HIS C 84 21.61 2.40 -16.50
N LEU C 85 21.38 3.51 -17.19
CA LEU C 85 21.14 3.43 -18.64
C LEU C 85 22.38 3.74 -19.49
N SER C 86 23.51 4.03 -18.85
CA SER C 86 24.69 4.55 -19.58
C SER C 86 25.30 3.59 -20.60
N HIS C 87 25.14 2.28 -20.37
CA HIS C 87 25.70 1.25 -21.24
C HIS C 87 24.89 1.10 -22.55
N LEU C 88 23.72 1.74 -22.60
CA LEU C 88 22.88 1.76 -23.79
C LEU C 88 23.25 2.92 -24.70
N MET C 89 24.16 3.75 -24.22
CA MET C 89 24.66 4.91 -24.95
C MET C 89 25.87 4.52 -25.82
N PRO C 90 26.13 5.29 -26.89
CA PRO C 90 27.29 4.89 -27.71
C PRO C 90 28.61 5.31 -27.07
N VAL C 91 29.05 4.58 -26.05
CA VAL C 91 30.27 4.96 -25.35
C VAL C 91 31.46 4.17 -25.91
N ASP C 92 32.66 4.53 -25.48
CA ASP C 92 33.88 3.83 -25.88
C ASP C 92 34.15 2.61 -25.01
N LEU C 93 33.73 2.69 -23.75
CA LEU C 93 33.95 1.61 -22.79
C LEU C 93 32.82 1.58 -21.77
N VAL C 94 32.39 0.38 -21.40
CA VAL C 94 31.39 0.23 -20.36
C VAL C 94 32.02 -0.43 -19.15
N VAL C 95 31.84 0.18 -17.98
CA VAL C 95 32.27 -0.44 -16.75
C VAL C 95 31.02 -0.90 -15.99
N VAL C 96 30.87 -2.21 -15.81
CA VAL C 96 29.72 -2.70 -15.06
C VAL C 96 30.14 -3.02 -13.63
N LEU C 97 29.64 -2.25 -12.68
CA LEU C 97 29.92 -2.48 -11.27
C LEU C 97 29.00 -3.58 -10.75
N ARG C 98 29.56 -4.47 -9.95
CA ARG C 98 28.76 -5.51 -9.31
C ARG C 98 28.88 -5.36 -7.80
N ALA C 99 27.85 -5.83 -7.11
CA ALA C 99 27.90 -5.93 -5.66
C ALA C 99 27.02 -7.08 -5.21
N HIS C 100 27.40 -7.70 -4.11
CA HIS C 100 26.61 -8.76 -3.49
C HIS C 100 25.18 -8.23 -3.34
N PRO C 101 24.20 -8.95 -3.88
CA PRO C 101 22.82 -8.46 -3.92
C PRO C 101 22.25 -8.11 -2.54
N ARG C 102 22.81 -8.68 -1.47
CA ARG C 102 22.42 -8.32 -0.10
C ARG C 102 22.82 -6.88 0.20
N ILE C 103 23.95 -6.46 -0.37
CA ILE C 103 24.42 -5.10 -0.19
C ILE C 103 23.51 -4.14 -0.97
N ILE C 104 23.12 -4.54 -2.18
CA ILE C 104 22.09 -3.83 -2.93
C ILE C 104 20.85 -3.66 -2.04
N GLY C 105 20.42 -4.76 -1.42
CA GLY C 105 19.25 -4.73 -0.56
C GLY C 105 19.37 -3.75 0.59
N GLU C 106 20.50 -3.79 1.28
CA GLU C 106 20.71 -2.88 2.40
C GLU C 106 20.73 -1.42 2.02
N ARG C 107 21.47 -1.11 0.97
CA ARG C 107 21.59 0.29 0.56
C ARG C 107 20.26 0.84 0.04
N LEU C 108 19.54 0.05 -0.75
CA LEU C 108 18.26 0.52 -1.27
C LEU C 108 17.23 0.60 -0.14
N ARG C 109 17.39 -0.24 0.88
CA ARG C 109 16.57 -0.07 2.08
C ARG C 109 16.89 1.26 2.76
N GLU C 110 18.18 1.60 2.91
CA GLU C 110 18.53 2.90 3.49
C GLU C 110 17.97 4.06 2.66
N ARG C 111 17.85 3.89 1.35
CA ARG C 111 17.27 4.92 0.49
C ARG C 111 15.77 5.10 0.66
N GLY C 112 15.11 4.12 1.27
CA GLY C 112 13.67 4.22 1.47
C GLY C 112 12.84 3.72 0.29
N TYR C 113 13.44 2.88 -0.55
CA TYR C 113 12.68 2.25 -1.62
C TYR C 113 11.66 1.29 -1.01
N SER C 114 10.57 1.02 -1.74
CA SER C 114 9.59 0.04 -1.31
C SER C 114 10.18 -1.37 -1.36
N LYS C 115 9.61 -2.30 -0.60
CA LYS C 115 10.04 -3.68 -0.60
C LYS C 115 10.00 -4.31 -2.00
N GLU C 116 8.96 -4.01 -2.77
CA GLU C 116 8.82 -4.56 -4.13
C GLU C 116 9.99 -4.12 -5.02
N LYS C 117 10.33 -2.84 -4.92
CA LYS C 117 11.38 -2.25 -5.71
C LYS C 117 12.76 -2.73 -5.31
N ILE C 118 12.96 -2.84 -3.99
CA ILE C 118 14.20 -3.37 -3.45
C ILE C 118 14.38 -4.79 -3.97
N GLY C 119 13.33 -5.60 -3.81
CA GLY C 119 13.34 -6.98 -4.28
C GLY C 119 13.66 -7.10 -5.76
N GLU C 120 13.01 -6.26 -6.57
CA GLU C 120 13.28 -6.33 -8.00
C GLU C 120 14.74 -5.99 -8.32
N ASN C 121 15.27 -4.96 -7.68
CA ASN C 121 16.68 -4.63 -7.94
C ASN C 121 17.67 -5.68 -7.44
N VAL C 122 17.38 -6.26 -6.27
CA VAL C 122 18.22 -7.32 -5.75
C VAL C 122 18.26 -8.48 -6.74
N GLU C 123 17.08 -8.85 -7.23
CA GLU C 123 17.03 -9.91 -8.24
C GLU C 123 17.79 -9.51 -9.50
N ALA C 124 17.68 -8.24 -9.89
CA ALA C 124 18.37 -7.78 -11.10
C ALA C 124 19.86 -7.97 -10.95
N GLU C 125 20.38 -7.70 -9.76
CA GLU C 125 21.81 -7.94 -9.52
C GLU C 125 22.14 -9.43 -9.52
N LEU C 126 21.27 -10.24 -8.90
CA LEU C 126 21.47 -11.71 -8.88
C LEU C 126 21.58 -12.31 -10.28
N VAL C 127 20.72 -11.88 -11.19
CA VAL C 127 20.67 -12.48 -12.52
C VAL C 127 21.54 -11.79 -13.57
N ASP C 128 22.38 -10.85 -13.14
CA ASP C 128 23.33 -10.18 -14.03
C ASP C 128 22.63 -9.38 -15.14
N ALA C 129 21.49 -8.76 -14.81
CA ALA C 129 20.66 -8.09 -15.83
C ALA C 129 21.41 -7.02 -16.64
N ILE C 130 22.04 -6.10 -15.91
CA ILE C 130 22.79 -5.01 -16.55
C ILE C 130 23.96 -5.57 -17.35
N LEU C 131 24.72 -6.48 -16.75
CA LEU C 131 25.86 -7.09 -17.43
C LEU C 131 25.44 -7.69 -18.77
N ILE C 132 24.34 -8.44 -18.73
CA ILE C 132 23.79 -9.07 -19.93
C ILE C 132 23.44 -8.03 -21.00
N GLU C 133 22.75 -6.96 -20.60
CA GLU C 133 22.49 -5.86 -21.53
C GLU C 133 23.74 -5.26 -22.15
N ALA C 134 24.73 -4.92 -21.32
CA ALA C 134 25.93 -4.22 -21.77
C ALA C 134 26.71 -5.05 -22.75
N ILE C 135 26.84 -6.33 -22.42
CA ILE C 135 27.51 -7.26 -23.30
C ILE C 135 26.77 -7.37 -24.64
N ASP C 136 25.44 -7.32 -24.60
CA ASP C 136 24.67 -7.34 -25.84
C ASP C 136 24.98 -6.06 -26.65
N GLU C 137 25.19 -4.96 -25.94
CA GLU C 137 25.39 -3.64 -26.55
C GLU C 137 26.79 -3.31 -27.06
N HIS C 138 27.82 -3.75 -26.34
CA HIS C 138 29.18 -3.30 -26.67
C HIS C 138 30.17 -4.43 -26.56
N GLU C 139 31.24 -4.38 -27.34
CA GLU C 139 32.27 -5.39 -27.23
C GLU C 139 33.14 -5.07 -26.01
N ASN C 140 33.33 -3.78 -25.72
CA ASN C 140 34.23 -3.43 -24.65
C ASN C 140 33.47 -3.20 -23.36
N VAL C 141 33.54 -4.20 -22.50
CA VAL C 141 32.83 -4.19 -21.22
C VAL C 141 33.76 -4.76 -20.16
N ILE C 142 34.01 -3.98 -19.13
CA ILE C 142 34.84 -4.42 -18.02
C ILE C 142 33.98 -4.52 -16.76
N GLU C 143 33.89 -5.72 -16.20
CA GLU C 143 33.08 -5.95 -15.01
C GLU C 143 33.98 -5.83 -13.79
N VAL C 144 33.50 -5.15 -12.76
CA VAL C 144 34.30 -4.96 -11.54
C VAL C 144 33.47 -5.23 -10.29
N ASP C 145 33.98 -6.10 -9.43
CA ASP C 145 33.30 -6.45 -8.19
C ASP C 145 33.69 -5.47 -7.10
N THR C 146 32.70 -4.77 -6.56
CA THR C 146 32.97 -3.75 -5.54
C THR C 146 33.01 -4.33 -4.14
N THR C 147 32.57 -5.58 -3.98
CA THR C 147 32.39 -6.15 -2.65
C THR C 147 33.69 -6.17 -1.84
N ASN C 148 33.59 -5.66 -0.60
CA ASN C 148 34.72 -5.51 0.30
C ASN C 148 35.81 -4.57 -0.23
N LYS C 149 35.42 -3.61 -1.07
CA LYS C 149 36.36 -2.61 -1.55
C LYS C 149 35.89 -1.20 -1.29
N THR C 150 36.86 -0.30 -1.08
CA THR C 150 36.64 1.13 -0.96
C THR C 150 36.57 1.72 -2.36
N PRO C 151 35.98 2.91 -2.50
CA PRO C 151 35.94 3.58 -3.81
C PRO C 151 37.34 3.76 -4.42
N GLU C 152 38.33 4.09 -3.60
CA GLU C 152 39.70 4.23 -4.08
C GLU C 152 40.23 2.96 -4.71
N GLU C 153 40.07 1.85 -3.99
CA GLU C 153 40.48 0.55 -4.51
C GLU C 153 39.81 0.22 -5.83
N ILE C 154 38.52 0.53 -5.95
CA ILE C 154 37.75 0.23 -7.16
C ILE C 154 38.23 1.08 -8.34
N VAL C 155 38.38 2.37 -8.11
CA VAL C 155 38.86 3.28 -9.14
C VAL C 155 40.28 2.90 -9.58
N GLU C 156 41.12 2.51 -8.62
CA GLU C 156 42.47 2.05 -8.94
C GLU C 156 42.42 0.77 -9.78
N GLU C 157 41.46 -0.10 -9.47
CA GLU C 157 41.30 -1.32 -10.24
C GLU C 157 40.93 -1.01 -11.69
N ILE C 158 39.95 -0.12 -11.85
CA ILE C 158 39.49 0.33 -13.16
C ILE C 158 40.64 0.95 -13.97
N ILE C 159 41.34 1.88 -13.35
CA ILE C 159 42.46 2.57 -13.98
C ILE C 159 43.53 1.57 -14.41
N GLY C 160 43.86 0.65 -13.51
CA GLY C 160 44.89 -0.35 -13.78
C GLY C 160 44.47 -1.28 -14.90
N LEU C 161 43.18 -1.55 -15.01
CA LEU C 161 42.68 -2.41 -16.07
C LEU C 161 42.76 -1.71 -17.43
N ILE C 162 42.24 -0.49 -17.48
CA ILE C 162 42.27 0.29 -18.71
C ILE C 162 43.69 0.52 -19.20
N LYS C 163 44.60 0.81 -18.27
CA LYS C 163 46.00 1.05 -18.66
C LYS C 163 46.66 -0.23 -19.16
N SER C 164 46.21 -1.37 -18.62
CA SER C 164 46.75 -2.67 -19.01
C SER C 164 46.38 -3.00 -20.45
N GLY C 165 45.41 -2.27 -20.99
CA GLY C 165 44.93 -2.50 -22.34
C GLY C 165 43.84 -3.56 -22.40
N VAL C 166 43.06 -3.70 -21.34
CA VAL C 166 41.99 -4.70 -21.38
C VAL C 166 40.72 -3.98 -21.76
N LYS C 167 40.19 -4.34 -22.92
CA LYS C 167 38.92 -3.81 -23.36
C LYS C 167 37.71 -4.57 -22.81
N ARG C 168 37.90 -5.86 -22.56
CA ARG C 168 36.80 -6.72 -22.13
C ARG C 168 37.15 -7.70 -20.99
N ARG C 169 36.49 -7.56 -19.84
CA ARG C 169 36.52 -8.59 -18.80
C ARG C 169 35.15 -8.83 -18.15
N VAL C 170 34.60 -10.03 -18.32
CA VAL C 170 33.26 -10.33 -17.80
C VAL C 170 33.14 -11.74 -17.21
N GLY C 171 32.10 -11.95 -16.40
CA GLY C 171 31.85 -13.26 -15.82
C GLY C 171 32.68 -13.51 -14.57
N ILE C 172 32.99 -12.45 -13.84
CA ILE C 172 33.85 -12.57 -12.65
C ILE C 172 33.09 -12.76 -11.33
N VAL C 173 31.77 -12.61 -11.36
CA VAL C 173 30.97 -12.90 -10.17
C VAL C 173 29.85 -13.87 -10.51
N ASP C 174 29.55 -14.77 -9.58
CA ASP C 174 28.39 -15.64 -9.73
C ASP C 174 27.63 -15.58 -8.41
N TRP C 175 26.51 -14.87 -8.40
CA TRP C 175 25.82 -14.62 -7.14
C TRP C 175 24.93 -15.80 -6.75
N SER C 176 24.77 -16.75 -7.67
CA SER C 176 24.06 -17.96 -7.34
C SER C 176 24.76 -18.61 -6.14
N GLU C 177 26.07 -18.44 -6.08
CA GLU C 177 26.88 -19.01 -4.99
C GLU C 177 26.48 -18.48 -3.61
N VAL C 178 25.97 -17.27 -3.58
CA VAL C 178 25.46 -16.67 -2.35
C VAL C 178 23.94 -16.69 -2.20
N TYR C 179 23.24 -17.43 -3.05
CA TYR C 179 21.77 -17.38 -3.06
C TYR C 179 21.10 -17.44 -1.67
N ASP C 180 21.56 -18.33 -0.81
CA ASP C 180 20.95 -18.50 0.51
C ASP C 180 21.00 -17.21 1.32
N GLU C 181 22.04 -16.42 1.08
CA GLU C 181 22.19 -15.14 1.77
C GLU C 181 21.26 -14.03 1.25
N ILE C 182 20.76 -14.14 0.01
CA ILE C 182 19.90 -13.05 -0.48
C ILE C 182 18.38 -13.30 -0.36
N ILE C 183 18.03 -14.54 0.01
CA ILE C 183 16.63 -14.96 0.16
C ILE C 183 15.71 -14.01 0.96
N PRO C 184 16.18 -13.46 2.09
CA PRO C 184 15.27 -12.56 2.81
C PRO C 184 14.81 -11.30 2.04
N TYR C 185 15.51 -10.90 0.98
CA TYR C 185 15.14 -9.72 0.19
C TYR C 185 14.25 -9.96 -1.02
N LEU C 186 14.01 -11.21 -1.34
CA LEU C 186 13.56 -11.43 -2.71
C LEU C 186 12.10 -11.20 -3.07
N ARG C 187 11.28 -12.17 -2.72
CA ARG C 187 9.92 -12.25 -3.24
C ARG C 187 9.50 -13.57 -2.66
N LEU C 188 8.82 -14.32 -3.53
CA LEU C 188 8.67 -15.78 -3.40
C LEU C 188 7.35 -16.20 -2.80
N GLY C 189 6.61 -15.22 -2.29
CA GLY C 189 5.31 -15.47 -1.70
C GLY C 189 4.27 -15.54 -2.80
N GLY C 190 3.24 -16.35 -2.61
CA GLY C 190 2.21 -16.56 -3.62
C GLY C 190 0.90 -15.88 -3.27
N MET D 12 -22.83 -22.60 -26.72
CA MET D 12 -23.22 -21.28 -26.23
C MET D 12 -23.61 -21.34 -24.76
N LEU D 13 -22.97 -20.49 -23.95
CA LEU D 13 -23.21 -20.46 -22.51
C LEU D 13 -23.86 -19.13 -22.13
N ILE D 14 -25.13 -19.19 -21.74
CA ILE D 14 -25.91 -18.00 -21.46
C ILE D 14 -26.21 -17.87 -19.98
N ALA D 15 -25.80 -16.76 -19.38
CA ALA D 15 -26.16 -16.50 -18.00
C ALA D 15 -27.51 -15.78 -17.92
N ILE D 16 -28.37 -16.26 -17.04
CA ILE D 16 -29.60 -15.55 -16.73
C ILE D 16 -29.48 -15.02 -15.32
N THR D 17 -29.31 -13.70 -15.20
CA THR D 17 -29.09 -13.14 -13.89
C THR D 17 -30.05 -11.99 -13.62
N GLY D 18 -30.01 -11.48 -12.39
CA GLY D 18 -30.84 -10.36 -12.00
C GLY D 18 -31.19 -10.46 -10.53
N THR D 19 -31.87 -9.43 -10.03
CA THR D 19 -32.24 -9.37 -8.63
C THR D 19 -33.08 -10.57 -8.24
N PRO D 20 -32.87 -11.11 -7.03
CA PRO D 20 -33.72 -12.19 -6.54
C PRO D 20 -35.17 -11.81 -6.71
N GLY D 21 -35.96 -12.74 -7.28
CA GLY D 21 -37.39 -12.49 -7.48
C GLY D 21 -37.72 -11.98 -8.87
N VAL D 22 -36.70 -11.75 -9.69
CA VAL D 22 -36.91 -11.15 -11.01
C VAL D 22 -37.49 -12.13 -12.05
N GLY D 23 -37.44 -13.42 -11.75
CA GLY D 23 -37.88 -14.42 -12.70
C GLY D 23 -36.81 -15.22 -13.40
N LYS D 24 -35.59 -15.19 -12.86
CA LYS D 24 -34.44 -15.90 -13.44
C LYS D 24 -34.76 -17.37 -13.73
N THR D 25 -35.30 -18.06 -12.73
CA THR D 25 -35.57 -19.49 -12.89
C THR D 25 -36.67 -19.79 -13.90
N THR D 26 -37.79 -19.07 -13.79
CA THR D 26 -38.91 -19.22 -14.74
C THR D 26 -38.43 -19.04 -16.18
N ILE D 27 -37.80 -17.90 -16.43
CA ILE D 27 -37.35 -17.57 -17.79
C ILE D 27 -36.26 -18.52 -18.27
N ALA D 28 -35.33 -18.89 -17.41
CA ALA D 28 -34.24 -19.78 -17.80
C ALA D 28 -34.75 -21.17 -18.19
N LYS D 29 -35.65 -21.71 -17.38
CA LYS D 29 -36.24 -23.01 -17.72
C LYS D 29 -36.97 -22.95 -19.06
N LEU D 30 -37.85 -21.95 -19.21
CA LEU D 30 -38.58 -21.83 -20.47
C LEU D 30 -37.64 -21.66 -21.66
N LEU D 31 -36.53 -20.95 -21.44
CA LEU D 31 -35.53 -20.68 -22.46
C LEU D 31 -34.78 -21.94 -22.88
N ALA D 32 -34.41 -22.77 -21.90
CA ALA D 32 -33.75 -24.03 -22.18
C ALA D 32 -34.68 -24.88 -23.02
N GLU D 33 -35.96 -24.92 -22.63
CA GLU D 33 -36.96 -25.66 -23.39
C GLU D 33 -37.10 -25.19 -24.84
N LYS D 34 -37.34 -23.88 -25.02
CA LYS D 34 -37.59 -23.30 -26.35
C LYS D 34 -36.40 -23.33 -27.28
N LEU D 35 -35.19 -23.16 -26.73
CA LEU D 35 -33.98 -23.18 -27.55
C LEU D 35 -33.43 -24.59 -27.69
N GLY D 36 -33.93 -25.50 -26.86
CA GLY D 36 -33.43 -26.86 -26.82
C GLY D 36 -32.04 -26.96 -26.22
N TYR D 37 -31.74 -26.03 -25.32
CA TYR D 37 -30.47 -26.03 -24.60
C TYR D 37 -30.72 -26.77 -23.29
N GLU D 38 -29.68 -27.00 -22.49
CA GLU D 38 -29.89 -27.55 -21.16
C GLU D 38 -30.08 -26.46 -20.10
N TYR D 39 -31.00 -26.69 -19.16
CA TYR D 39 -31.16 -25.81 -18.01
C TYR D 39 -30.23 -26.24 -16.87
N VAL D 40 -29.51 -25.30 -16.29
CA VAL D 40 -28.69 -25.60 -15.11
C VAL D 40 -28.86 -24.54 -14.02
N ASN D 41 -29.29 -24.95 -12.84
CA ASN D 41 -29.34 -24.03 -11.70
C ASN D 41 -28.00 -23.94 -10.99
N LEU D 42 -27.50 -22.70 -10.84
CA LEU D 42 -26.15 -22.48 -10.33
C LEU D 42 -25.92 -22.91 -8.88
N ARG D 43 -26.94 -22.75 -8.03
CA ARG D 43 -26.84 -23.14 -6.62
C ARG D 43 -26.55 -24.63 -6.46
N ASP D 44 -27.38 -25.44 -7.11
CA ASP D 44 -27.28 -26.89 -7.04
C ASP D 44 -25.89 -27.31 -7.49
N PHE D 45 -25.51 -26.76 -8.63
CA PHE D 45 -24.22 -27.02 -9.25
C PHE D 45 -23.09 -26.74 -8.27
N ALA D 46 -23.14 -25.59 -7.60
CA ALA D 46 -22.11 -25.19 -6.66
C ALA D 46 -22.03 -26.15 -5.47
N LEU D 47 -23.19 -26.56 -4.96
CA LEU D 47 -23.23 -27.45 -3.80
C LEU D 47 -22.64 -28.81 -4.13
N GLU D 48 -23.15 -29.37 -5.22
CA GLU D 48 -22.85 -30.75 -5.61
C GLU D 48 -21.43 -30.94 -6.12
N LYS D 49 -20.80 -29.85 -6.53
CA LYS D 49 -19.40 -29.90 -6.93
C LYS D 49 -18.51 -29.56 -5.74
N GLY D 50 -19.13 -29.42 -4.57
CA GLY D 50 -18.41 -29.16 -3.34
C GLY D 50 -17.96 -27.72 -3.18
N GLU D 60 -21.80 -20.35 2.43
CA GLU D 60 -20.74 -19.64 1.73
C GLU D 60 -20.14 -20.46 0.59
N VAL D 61 -20.02 -19.84 -0.58
CA VAL D 61 -19.43 -20.51 -1.73
C VAL D 61 -18.31 -19.61 -2.26
N GLU D 62 -17.21 -20.21 -2.71
CA GLU D 62 -16.13 -19.44 -3.32
C GLU D 62 -16.33 -19.22 -4.82
N ILE D 63 -16.36 -17.96 -5.22
CA ILE D 63 -16.67 -17.54 -6.58
C ILE D 63 -15.64 -18.02 -7.60
N ASP D 64 -14.35 -17.95 -7.25
CA ASP D 64 -13.27 -18.41 -8.12
C ASP D 64 -13.39 -19.89 -8.39
N GLU D 65 -13.71 -20.61 -7.32
CA GLU D 65 -13.88 -22.04 -7.35
C GLU D 65 -15.05 -22.40 -8.26
N LEU D 66 -16.18 -21.73 -8.04
CA LEU D 66 -17.36 -21.94 -8.85
C LEU D 66 -17.07 -21.66 -10.32
N ALA D 67 -16.35 -20.56 -10.58
CA ALA D 67 -15.99 -20.16 -11.93
C ALA D 67 -15.14 -21.21 -12.62
N TYR D 68 -14.19 -21.81 -11.88
CA TYR D 68 -13.45 -22.93 -12.44
C TYR D 68 -14.37 -24.06 -12.80
N PHE D 69 -15.18 -24.48 -11.83
CA PHE D 69 -16.00 -25.66 -12.03
C PHE D 69 -17.04 -25.55 -13.17
N VAL D 70 -17.64 -24.37 -13.37
CA VAL D 70 -18.55 -24.21 -14.52
C VAL D 70 -17.75 -24.41 -15.82
N GLU D 71 -16.60 -23.74 -15.90
CA GLU D 71 -15.75 -23.81 -17.08
C GLU D 71 -15.30 -25.24 -17.39
N ARG D 77 -21.05 -27.05 -23.69
CA ARG D 77 -22.41 -27.47 -23.99
C ARG D 77 -23.24 -26.23 -24.33
N ASN D 78 -24.49 -26.42 -24.71
CA ASN D 78 -25.41 -25.30 -24.89
C ASN D 78 -26.22 -25.21 -23.60
N VAL D 79 -25.95 -24.17 -22.84
CA VAL D 79 -26.41 -24.14 -21.46
C VAL D 79 -27.03 -22.79 -21.12
N VAL D 80 -28.22 -22.84 -20.55
CA VAL D 80 -28.83 -21.70 -19.90
C VAL D 80 -28.55 -21.88 -18.42
N LEU D 81 -27.76 -20.96 -17.87
CA LEU D 81 -27.28 -21.04 -16.49
C LEU D 81 -28.00 -20.04 -15.60
N ASP D 82 -28.67 -20.54 -14.56
CA ASP D 82 -29.59 -19.74 -13.76
C ASP D 82 -29.03 -19.34 -12.39
N GLY D 83 -28.83 -18.04 -12.19
CA GLY D 83 -28.50 -17.52 -10.87
C GLY D 83 -28.11 -16.05 -10.85
N HIS D 84 -28.17 -15.43 -9.67
CA HIS D 84 -27.79 -14.03 -9.56
C HIS D 84 -26.27 -13.89 -9.52
N LEU D 85 -25.56 -15.02 -9.42
CA LEU D 85 -24.11 -15.01 -9.59
C LEU D 85 -23.65 -15.44 -10.97
N SER D 86 -24.60 -15.73 -11.86
CA SER D 86 -24.27 -16.28 -13.18
C SER D 86 -23.43 -15.32 -14.03
N HIS D 87 -23.59 -14.02 -13.78
CA HIS D 87 -22.83 -13.03 -14.54
C HIS D 87 -21.37 -12.95 -14.09
N LEU D 88 -21.05 -13.52 -12.92
CA LEU D 88 -19.66 -13.53 -12.46
C LEU D 88 -18.92 -14.76 -12.99
N MET D 89 -19.65 -15.63 -13.68
CA MET D 89 -19.07 -16.82 -14.30
C MET D 89 -18.64 -16.48 -15.74
N PRO D 90 -17.66 -17.23 -16.27
CA PRO D 90 -17.18 -16.93 -17.62
C PRO D 90 -18.10 -17.43 -18.72
N VAL D 91 -19.19 -16.73 -18.99
CA VAL D 91 -20.15 -17.18 -19.97
C VAL D 91 -19.94 -16.49 -21.32
N ASP D 92 -20.71 -16.92 -22.31
CA ASP D 92 -20.67 -16.37 -23.66
C ASP D 92 -21.56 -15.14 -23.79
N LEU D 93 -22.67 -15.16 -23.05
CA LEU D 93 -23.64 -14.09 -23.07
C LEU D 93 -24.33 -13.97 -21.72
N VAL D 94 -24.57 -12.75 -21.28
CA VAL D 94 -25.31 -12.51 -20.04
C VAL D 94 -26.66 -11.90 -20.41
N VAL D 95 -27.72 -12.47 -19.86
CA VAL D 95 -29.03 -11.86 -19.96
C VAL D 95 -29.37 -11.31 -18.60
N VAL D 96 -29.46 -9.99 -18.48
CA VAL D 96 -29.83 -9.39 -17.20
C VAL D 96 -31.32 -9.11 -17.24
N LEU D 97 -32.06 -9.85 -16.43
CA LEU D 97 -33.49 -9.64 -16.33
C LEU D 97 -33.73 -8.48 -15.40
N ARG D 98 -34.66 -7.62 -15.78
CA ARG D 98 -35.07 -6.49 -14.96
C ARG D 98 -36.55 -6.63 -14.66
N ALA D 99 -36.98 -6.01 -13.56
CA ALA D 99 -38.40 -5.86 -13.29
C ALA D 99 -38.61 -4.63 -12.44
N HIS D 100 -39.77 -4.01 -12.58
CA HIS D 100 -40.17 -2.90 -11.73
C HIS D 100 -39.97 -3.31 -10.28
N PRO D 101 -39.20 -2.51 -9.52
CA PRO D 101 -38.85 -2.89 -8.15
C PRO D 101 -40.06 -3.20 -7.25
N ARG D 102 -41.24 -2.68 -7.59
CA ARG D 102 -42.46 -3.02 -6.83
C ARG D 102 -42.79 -4.50 -7.05
N ILE D 103 -42.50 -5.00 -8.24
CA ILE D 103 -42.76 -6.41 -8.55
C ILE D 103 -41.82 -7.29 -7.75
N ILE D 104 -40.54 -6.91 -7.74
CA ILE D 104 -39.55 -7.53 -6.87
C ILE D 104 -40.06 -7.57 -5.42
N GLY D 105 -40.53 -6.43 -4.92
CA GLY D 105 -41.02 -6.32 -3.56
C GLY D 105 -42.17 -7.28 -3.26
N GLU D 106 -43.14 -7.32 -4.15
CA GLU D 106 -44.31 -8.17 -3.97
C GLU D 106 -43.88 -9.63 -3.94
N ARG D 107 -43.03 -10.01 -4.89
CA ARG D 107 -42.56 -11.39 -4.97
C ARG D 107 -41.73 -11.81 -3.75
N LEU D 108 -40.89 -10.91 -3.27
CA LEU D 108 -40.06 -11.25 -2.12
C LEU D 108 -40.89 -11.27 -0.82
N ARG D 109 -41.95 -10.46 -0.77
CA ARG D 109 -42.91 -10.61 0.34
C ARG D 109 -43.56 -11.99 0.26
N GLU D 110 -43.97 -12.39 -0.94
CA GLU D 110 -44.55 -13.72 -1.13
C GLU D 110 -43.61 -14.84 -0.67
N ARG D 111 -42.30 -14.67 -0.89
CA ARG D 111 -41.32 -15.67 -0.43
C ARG D 111 -41.13 -15.70 1.08
N GLY D 112 -41.57 -14.64 1.76
CA GLY D 112 -41.39 -14.58 3.19
C GLY D 112 -40.03 -14.02 3.62
N TYR D 113 -39.38 -13.24 2.76
CA TYR D 113 -38.15 -12.57 3.16
C TYR D 113 -38.45 -11.53 4.26
N SER D 114 -37.47 -11.21 5.09
CA SER D 114 -37.66 -10.19 6.12
C SER D 114 -37.83 -8.81 5.48
N LYS D 115 -38.41 -7.87 6.21
CA LYS D 115 -38.60 -6.52 5.70
C LYS D 115 -37.28 -5.88 5.21
N GLU D 116 -36.21 -6.03 5.99
CA GLU D 116 -34.90 -5.47 5.60
C GLU D 116 -34.33 -6.13 4.34
N LYS D 117 -34.45 -7.46 4.25
CA LYS D 117 -33.91 -8.20 3.10
C LYS D 117 -34.69 -7.83 1.82
N ILE D 118 -36.00 -7.69 1.99
CA ILE D 118 -36.86 -7.21 0.91
C ILE D 118 -36.45 -5.82 0.44
N GLY D 119 -36.34 -4.89 1.39
CA GLY D 119 -35.94 -3.54 1.07
C GLY D 119 -34.60 -3.50 0.35
N GLU D 120 -33.64 -4.28 0.85
CA GLU D 120 -32.31 -4.31 0.26
C GLU D 120 -32.36 -4.78 -1.18
N ASN D 121 -33.12 -5.83 -1.45
CA ASN D 121 -33.22 -6.33 -2.82
C ASN D 121 -33.98 -5.40 -3.77
N VAL D 122 -35.05 -4.79 -3.28
CA VAL D 122 -35.80 -3.80 -4.06
C VAL D 122 -34.89 -2.64 -4.44
N GLU D 123 -34.10 -2.17 -3.48
CA GLU D 123 -33.13 -1.11 -3.74
C GLU D 123 -32.06 -1.58 -4.74
N ALA D 124 -31.66 -2.85 -4.65
CA ALA D 124 -30.66 -3.37 -5.58
C ALA D 124 -31.20 -3.28 -6.99
N GLU D 125 -32.48 -3.61 -7.17
CA GLU D 125 -33.08 -3.49 -8.50
C GLU D 125 -33.18 -2.04 -8.92
N LEU D 126 -33.57 -1.17 -7.99
CA LEU D 126 -33.68 0.27 -8.28
C LEU D 126 -32.39 0.89 -8.85
N VAL D 127 -31.24 0.53 -8.27
CA VAL D 127 -29.93 1.10 -8.64
C VAL D 127 -29.11 0.30 -9.68
N ASP D 128 -29.74 -0.70 -10.30
CA ASP D 128 -29.12 -1.46 -11.38
C ASP D 128 -27.89 -2.23 -10.90
N ALA D 129 -27.95 -2.74 -9.66
CA ALA D 129 -26.76 -3.35 -9.05
C ALA D 129 -26.18 -4.49 -9.92
N ILE D 130 -27.04 -5.44 -10.27
CA ILE D 130 -26.62 -6.56 -11.11
C ILE D 130 -26.17 -6.11 -12.51
N LEU D 131 -26.92 -5.19 -13.12
CA LEU D 131 -26.56 -4.69 -14.45
C LEU D 131 -25.14 -4.11 -14.45
N ILE D 132 -24.85 -3.31 -13.43
CA ILE D 132 -23.55 -2.68 -13.27
C ILE D 132 -22.47 -3.76 -13.15
N GLU D 133 -22.74 -4.77 -12.31
CA GLU D 133 -21.82 -5.92 -12.23
C GLU D 133 -21.58 -6.62 -13.59
N ALA D 134 -22.66 -6.92 -14.31
CA ALA D 134 -22.57 -7.66 -15.57
C ALA D 134 -21.80 -6.90 -16.66
N ILE D 135 -22.10 -5.62 -16.83
CA ILE D 135 -21.34 -4.82 -17.79
C ILE D 135 -19.87 -4.71 -17.38
N ASP D 136 -19.61 -4.67 -16.07
CA ASP D 136 -18.23 -4.71 -15.61
C ASP D 136 -17.53 -6.04 -15.94
N GLU D 137 -18.27 -7.14 -15.84
CA GLU D 137 -17.69 -8.46 -16.08
C GLU D 137 -17.60 -8.89 -17.54
N HIS D 138 -18.59 -8.48 -18.35
CA HIS D 138 -18.75 -9.02 -19.70
C HIS D 138 -19.05 -8.01 -20.79
N GLU D 139 -18.65 -8.36 -22.00
CA GLU D 139 -18.92 -7.56 -23.19
C GLU D 139 -20.34 -7.78 -23.71
N ASN D 140 -20.82 -9.02 -23.65
CA ASN D 140 -22.12 -9.31 -24.23
C ASN D 140 -23.14 -9.39 -23.12
N VAL D 141 -23.94 -8.33 -23.04
CA VAL D 141 -24.94 -8.21 -22.00
C VAL D 141 -26.20 -7.69 -22.65
N ILE D 142 -27.26 -8.49 -22.54
CA ILE D 142 -28.55 -8.10 -23.06
C ILE D 142 -29.47 -7.89 -21.88
N GLU D 143 -29.96 -6.67 -21.74
CA GLU D 143 -30.86 -6.33 -20.66
C GLU D 143 -32.27 -6.51 -21.17
N VAL D 144 -33.12 -7.18 -20.38
CA VAL D 144 -34.49 -7.39 -20.79
C VAL D 144 -35.46 -6.96 -19.69
N ASP D 145 -36.41 -6.10 -20.04
CA ASP D 145 -37.42 -5.67 -19.09
C ASP D 145 -38.58 -6.66 -19.16
N THR D 146 -38.85 -7.32 -18.03
CA THR D 146 -39.88 -8.35 -17.96
C THR D 146 -41.24 -7.76 -17.65
N THR D 147 -41.29 -6.48 -17.29
CA THR D 147 -42.52 -5.87 -16.77
C THR D 147 -43.72 -5.98 -17.72
N ASN D 148 -44.85 -6.44 -17.18
CA ASN D 148 -46.08 -6.60 -17.97
C ASN D 148 -45.93 -7.58 -19.14
N LYS D 149 -45.03 -8.53 -19.00
CA LYS D 149 -44.84 -9.56 -20.01
C LYS D 149 -45.01 -10.93 -19.40
N THR D 150 -45.51 -11.84 -20.21
CA THR D 150 -45.61 -13.24 -19.85
C THR D 150 -44.24 -13.85 -20.10
N PRO D 151 -43.93 -14.97 -19.44
CA PRO D 151 -42.65 -15.67 -19.67
C PRO D 151 -42.43 -15.99 -21.14
N GLU D 152 -43.52 -16.32 -21.84
CA GLU D 152 -43.49 -16.62 -23.26
C GLU D 152 -42.99 -15.45 -24.11
N GLU D 153 -43.61 -14.29 -23.91
CA GLU D 153 -43.24 -13.05 -24.60
C GLU D 153 -41.78 -12.70 -24.36
N ILE D 154 -41.34 -12.90 -23.13
CA ILE D 154 -39.95 -12.62 -22.71
C ILE D 154 -38.94 -13.55 -23.38
N VAL D 155 -39.21 -14.84 -23.35
CA VAL D 155 -38.33 -15.81 -23.97
C VAL D 155 -38.25 -15.57 -25.48
N GLU D 156 -39.38 -15.30 -26.11
CA GLU D 156 -39.38 -14.97 -27.55
C GLU D 156 -38.60 -13.68 -27.84
N GLU D 157 -38.66 -12.72 -26.91
CA GLU D 157 -37.88 -11.49 -27.08
C GLU D 157 -36.38 -11.78 -27.06
N ILE D 158 -35.96 -12.56 -26.07
CA ILE D 158 -34.56 -12.96 -25.94
C ILE D 158 -34.11 -13.67 -27.22
N ILE D 159 -34.93 -14.64 -27.64
CA ILE D 159 -34.68 -15.40 -28.85
C ILE D 159 -34.54 -14.50 -30.08
N GLY D 160 -35.44 -13.54 -30.23
CA GLY D 160 -35.42 -12.66 -31.39
C GLY D 160 -34.13 -11.86 -31.38
N LEU D 161 -33.67 -11.52 -30.18
CA LEU D 161 -32.42 -10.78 -30.03
C LEU D 161 -31.16 -11.61 -30.36
N ILE D 162 -31.06 -12.81 -29.79
CA ILE D 162 -29.94 -13.71 -30.06
C ILE D 162 -29.87 -14.05 -31.54
N LYS D 163 -31.05 -14.25 -32.12
CA LYS D 163 -31.19 -14.55 -33.54
C LYS D 163 -30.89 -13.34 -34.44
N SER D 164 -31.03 -12.14 -33.90
CA SER D 164 -30.83 -10.90 -34.69
C SER D 164 -29.44 -10.65 -35.35
N GLY D 165 -28.35 -11.25 -34.86
CA GLY D 165 -28.17 -11.55 -33.45
C GLY D 165 -27.55 -10.35 -32.78
N VAL D 166 -28.02 -10.01 -31.58
CA VAL D 166 -27.44 -8.89 -30.86
C VAL D 166 -26.61 -9.40 -29.70
N LYS D 167 -25.36 -8.93 -29.62
CA LYS D 167 -24.50 -9.26 -28.49
C LYS D 167 -24.68 -8.38 -27.25
N ARG D 168 -24.98 -7.10 -27.44
CA ARG D 168 -25.05 -6.14 -26.32
C ARG D 168 -26.23 -5.19 -26.40
N ARG D 169 -27.13 -5.24 -25.43
CA ARG D 169 -28.12 -4.18 -25.24
C ARG D 169 -28.33 -3.84 -23.76
N VAL D 170 -27.98 -2.61 -23.37
CA VAL D 170 -28.10 -2.18 -21.98
C VAL D 170 -28.62 -0.75 -21.88
N GLY D 171 -29.10 -0.37 -20.69
CA GLY D 171 -29.59 0.97 -20.44
C GLY D 171 -31.02 1.20 -20.88
N ILE D 172 -31.82 0.13 -20.87
CA ILE D 172 -33.20 0.18 -21.35
C ILE D 172 -34.28 0.41 -20.27
N VAL D 173 -33.90 0.40 -19.00
CA VAL D 173 -34.84 0.81 -17.94
C VAL D 173 -34.22 1.85 -17.03
N ASP D 174 -35.04 2.80 -16.55
CA ASP D 174 -34.59 3.73 -15.54
C ASP D 174 -35.66 3.74 -14.45
N TRP D 175 -35.36 3.11 -13.32
CA TRP D 175 -36.41 2.91 -12.32
C TRP D 175 -36.57 4.12 -11.43
N SER D 176 -35.66 5.08 -11.54
CA SER D 176 -35.84 6.34 -10.82
C SER D 176 -37.18 6.94 -11.20
N GLU D 177 -37.59 6.70 -12.44
CA GLU D 177 -38.85 7.22 -12.97
C GLU D 177 -40.08 6.69 -12.23
N VAL D 178 -39.96 5.50 -11.63
CA VAL D 178 -41.03 4.94 -10.79
C VAL D 178 -40.79 5.07 -9.28
N TYR D 179 -39.80 5.86 -8.88
CA TYR D 179 -39.39 5.93 -7.48
C TYR D 179 -40.55 6.04 -6.47
N ASP D 180 -41.49 6.95 -6.72
CA ASP D 180 -42.61 7.13 -5.77
C ASP D 180 -43.39 5.85 -5.52
N GLU D 181 -43.48 4.99 -6.53
CA GLU D 181 -44.24 3.75 -6.41
C GLU D 181 -43.54 2.70 -5.53
N ILE D 182 -42.21 2.78 -5.43
CA ILE D 182 -41.53 1.75 -4.65
C ILE D 182 -41.21 2.17 -3.23
N ILE D 183 -41.51 3.44 -2.92
CA ILE D 183 -41.29 3.97 -1.56
C ILE D 183 -41.74 3.05 -0.40
N PRO D 184 -42.94 2.43 -0.48
CA PRO D 184 -43.35 1.57 0.64
C PRO D 184 -42.44 0.37 0.88
N TYR D 185 -41.64 -0.02 -0.11
CA TYR D 185 -40.71 -1.12 0.07
C TYR D 185 -39.30 -0.72 0.52
N LEU D 186 -38.96 0.56 0.44
CA LEU D 186 -37.58 1.02 0.60
C LEU D 186 -37.16 1.12 2.08
N ARG D 187 -35.86 1.13 2.36
CA ARG D 187 -35.48 1.17 3.77
C ARG D 187 -35.24 2.66 4.03
N LEU D 188 -36.29 3.34 4.47
CA LEU D 188 -36.26 4.79 4.74
C LEU D 188 -36.28 5.23 6.20
N GLY D 189 -36.42 4.29 7.12
CA GLY D 189 -36.70 4.69 8.49
C GLY D 189 -35.46 5.18 9.20
N GLY D 190 -35.64 6.22 10.01
CA GLY D 190 -34.52 6.86 10.70
C GLY D 190 -34.48 6.64 12.19
N LYS E 11 33.41 -44.30 9.94
CA LYS E 11 32.96 -42.95 10.26
C LYS E 11 31.59 -42.95 10.94
N GLU E 12 31.44 -42.05 11.90
CA GLU E 12 30.26 -41.96 12.73
C GLU E 12 29.25 -40.94 12.23
N LYS E 13 27.99 -41.35 12.05
CA LYS E 13 26.96 -40.41 11.60
C LYS E 13 26.39 -39.67 12.81
N TRP E 14 26.53 -38.34 12.79
CA TRP E 14 26.06 -37.50 13.90
C TRP E 14 24.93 -36.57 13.49
N GLY E 15 23.94 -36.44 14.38
CA GLY E 15 22.87 -35.48 14.23
C GLY E 15 22.84 -34.36 15.26
N ILE E 16 21.73 -33.63 15.23
CA ILE E 16 21.47 -32.58 16.19
C ILE E 16 20.10 -32.78 16.80
N ALA E 17 20.03 -32.84 18.11
CA ALA E 17 18.77 -32.93 18.82
C ALA E 17 18.38 -31.55 19.28
N HIS E 18 17.30 -31.04 18.67
CA HIS E 18 16.74 -29.77 19.08
C HIS E 18 15.71 -30.06 20.14
N ILE E 19 15.95 -29.57 21.34
CA ILE E 19 15.07 -29.85 22.47
C ILE E 19 14.38 -28.60 22.95
N TYR E 20 13.05 -28.59 22.94
CA TYR E 20 12.29 -27.43 23.41
C TYR E 20 11.47 -27.79 24.64
N SER E 21 11.72 -27.13 25.76
CA SER E 21 10.89 -27.26 26.95
C SER E 21 10.08 -25.98 27.06
N SER E 22 8.76 -26.10 26.98
CA SER E 22 7.87 -24.95 27.01
C SER E 22 7.12 -24.99 28.32
N TYR E 23 6.17 -24.09 28.49
CA TYR E 23 5.33 -24.18 29.67
C TYR E 23 4.46 -25.44 29.61
N ASN E 24 4.00 -25.77 28.41
CA ASN E 24 3.03 -26.85 28.22
C ASN E 24 3.52 -28.23 27.77
N ASN E 25 4.76 -28.33 27.31
CA ASN E 25 5.18 -29.53 26.59
C ASN E 25 6.69 -29.61 26.40
N THR E 26 7.14 -30.71 25.81
CA THR E 26 8.54 -30.87 25.41
C THR E 26 8.55 -31.42 24.01
N ILE E 27 9.46 -30.90 23.19
CA ILE E 27 9.64 -31.35 21.83
C ILE E 27 11.07 -31.83 21.66
N ILE E 28 11.24 -32.98 21.03
CA ILE E 28 12.57 -33.42 20.62
C ILE E 28 12.53 -33.60 19.11
N HIS E 29 13.31 -32.78 18.41
CA HIS E 29 13.34 -32.83 16.96
C HIS E 29 14.77 -33.16 16.60
N ILE E 30 15.01 -34.36 16.05
CA ILE E 30 16.37 -34.72 15.66
C ILE E 30 16.57 -34.50 14.18
N THR E 31 17.61 -33.78 13.79
CA THR E 31 17.88 -33.58 12.37
C THR E 31 19.28 -34.12 12.06
N ASP E 32 19.65 -34.10 10.78
CA ASP E 32 21.01 -34.40 10.37
C ASP E 32 21.89 -33.22 10.77
N ILE E 33 23.19 -33.33 10.53
CA ILE E 33 24.16 -32.30 10.91
C ILE E 33 23.88 -30.93 10.27
N THR E 34 23.29 -30.92 9.08
CA THR E 34 23.01 -29.67 8.37
C THR E 34 21.73 -28.99 8.85
N GLY E 35 20.85 -29.78 9.44
CA GLY E 35 19.57 -29.27 9.91
C GLY E 35 18.47 -29.31 8.88
N ALA E 36 18.82 -29.74 7.67
CA ALA E 36 17.88 -29.76 6.56
C ALA E 36 16.92 -30.96 6.58
N GLU E 37 17.43 -32.12 7.01
CA GLU E 37 16.66 -33.36 7.01
C GLU E 37 16.17 -33.76 8.42
N THR E 38 14.87 -34.03 8.55
CA THR E 38 14.32 -34.47 9.84
C THR E 38 14.47 -35.98 10.01
N ILE E 39 15.23 -36.37 11.03
CA ILE E 39 15.38 -37.77 11.42
C ILE E 39 14.23 -38.29 12.31
N SER E 40 13.88 -37.55 13.35
CA SER E 40 12.71 -37.88 14.16
C SER E 40 12.16 -36.63 14.82
N ARG E 41 10.86 -36.64 15.10
CA ARG E 41 10.20 -35.53 15.77
C ARG E 41 9.19 -36.08 16.78
N TRP E 42 9.40 -35.84 18.07
CA TRP E 42 8.53 -36.36 19.12
C TRP E 42 8.24 -35.30 20.17
N SER E 43 7.02 -35.33 20.70
CA SER E 43 6.64 -34.43 21.77
C SER E 43 5.93 -35.19 22.88
N GLY E 44 5.83 -34.58 24.05
CA GLY E 44 5.10 -35.16 25.16
C GLY E 44 3.68 -35.50 24.78
N GLY E 45 3.04 -34.60 24.02
CA GLY E 45 1.67 -34.83 23.60
C GLY E 45 1.50 -36.08 22.74
N MET E 46 2.58 -36.54 22.12
CA MET E 46 2.51 -37.75 21.31
C MET E 46 2.56 -39.04 22.15
N VAL E 47 3.21 -38.99 23.31
CA VAL E 47 3.36 -40.18 24.15
C VAL E 47 2.49 -40.36 25.40
N VAL E 48 1.83 -39.30 25.89
CA VAL E 48 1.02 -39.46 27.11
C VAL E 48 -0.46 -39.13 26.85
N LYS E 49 -1.34 -39.79 27.61
CA LYS E 49 -2.78 -39.69 27.38
C LYS E 49 -3.44 -38.40 27.90
N ALA E 50 -2.94 -37.87 29.01
CA ALA E 50 -3.60 -36.75 29.68
C ALA E 50 -2.91 -35.43 29.36
N ASP E 51 -3.71 -34.42 29.05
CA ASP E 51 -3.19 -33.09 28.75
C ASP E 51 -2.27 -32.63 29.90
N ARG E 52 -2.69 -32.90 31.13
CA ARG E 52 -1.95 -32.43 32.30
C ARG E 52 -0.58 -33.09 32.44
N ASP E 53 -0.39 -34.25 31.82
CA ASP E 53 0.88 -34.96 31.90
C ASP E 53 1.87 -34.56 30.80
N GLU E 54 1.39 -33.83 29.81
CA GLU E 54 2.26 -33.41 28.69
C GLU E 54 3.53 -32.64 29.09
N PRO E 55 3.43 -31.67 30.04
CA PRO E 55 4.62 -30.99 30.54
C PRO E 55 5.53 -31.84 31.44
N SER E 56 5.09 -33.02 31.87
CA SER E 56 5.90 -33.82 32.81
C SER E 56 7.30 -34.15 32.29
N PRO E 57 8.30 -34.11 33.17
CA PRO E 57 9.63 -34.59 32.75
C PRO E 57 9.58 -36.08 32.37
N TYR E 58 8.63 -36.82 32.92
CA TYR E 58 8.44 -38.21 32.49
C TYR E 58 7.96 -38.29 31.02
N ALA E 59 7.08 -37.36 30.63
CA ALA E 59 6.65 -37.31 29.24
C ALA E 59 7.84 -36.98 28.34
N ALA E 60 8.71 -36.08 28.83
CA ALA E 60 9.91 -35.70 28.08
C ALA E 60 10.82 -36.90 27.91
N MET E 61 10.99 -37.67 28.98
CA MET E 61 11.84 -38.86 28.91
C MET E 61 11.29 -39.86 27.89
N LEU E 62 9.99 -40.11 27.95
CA LEU E 62 9.39 -41.06 27.01
C LEU E 62 9.48 -40.58 25.53
N ALA E 63 9.20 -39.29 25.31
CA ALA E 63 9.28 -38.70 23.98
C ALA E 63 10.68 -38.83 23.45
N ALA E 64 11.65 -38.49 24.30
CA ALA E 64 13.06 -38.55 23.93
C ALA E 64 13.49 -39.96 23.58
N ARG E 65 12.97 -40.93 24.33
CA ARG E 65 13.32 -42.31 24.06
C ARG E 65 12.84 -42.72 22.68
N ARG E 66 11.60 -42.34 22.35
CA ARG E 66 11.09 -42.67 21.02
C ARG E 66 11.92 -41.99 19.92
N ALA E 67 12.26 -40.71 20.12
CA ALA E 67 13.08 -40.01 19.12
C ALA E 67 14.43 -40.70 18.94
N ALA E 68 15.03 -41.11 20.04
CA ALA E 68 16.34 -41.74 20.01
C ALA E 68 16.31 -43.08 19.29
N GLU E 69 15.32 -43.91 19.60
CA GLU E 69 15.22 -45.20 18.93
C GLU E 69 15.05 -45.00 17.44
N GLU E 70 14.15 -44.08 17.07
CA GLU E 70 13.99 -43.76 15.66
C GLU E 70 15.29 -43.32 14.96
N ALA E 71 16.04 -42.43 15.61
CA ALA E 71 17.28 -41.92 15.01
C ALA E 71 18.32 -43.02 14.85
N LEU E 72 18.41 -43.87 15.87
CA LEU E 72 19.32 -45.00 15.87
C LEU E 72 18.97 -46.00 14.77
N GLU E 73 17.68 -46.23 14.53
CA GLU E 73 17.25 -47.15 13.47
C GLU E 73 17.70 -46.60 12.12
N LYS E 74 17.87 -45.29 12.06
CA LYS E 74 18.25 -44.61 10.82
C LYS E 74 19.76 -44.39 10.71
N GLY E 75 20.51 -44.89 11.67
CA GLY E 75 21.95 -44.86 11.59
C GLY E 75 22.64 -43.71 12.33
N ILE E 76 21.88 -42.93 13.10
CA ILE E 76 22.53 -41.89 13.90
C ILE E 76 23.19 -42.52 15.13
N VAL E 77 24.50 -42.31 15.25
CA VAL E 77 25.28 -42.79 16.41
C VAL E 77 25.25 -41.83 17.59
N GLY E 78 25.25 -40.53 17.28
CA GLY E 78 25.31 -39.53 18.33
C GLY E 78 24.61 -38.25 17.93
N VAL E 79 24.27 -37.44 18.92
CA VAL E 79 23.67 -36.14 18.64
C VAL E 79 24.34 -35.07 19.47
N HIS E 80 24.57 -33.90 18.88
CA HIS E 80 24.85 -32.69 19.66
C HIS E 80 23.51 -32.15 20.11
N ILE E 81 23.46 -31.39 21.20
CA ILE E 81 22.16 -30.94 21.70
C ILE E 81 22.03 -29.42 21.60
N ARG E 82 20.87 -28.95 21.15
CA ARG E 82 20.56 -27.51 21.20
C ARG E 82 19.29 -27.28 21.99
N VAL E 83 19.45 -26.71 23.18
CA VAL E 83 18.36 -26.65 24.15
C VAL E 83 17.70 -25.28 24.18
N ARG E 84 16.37 -25.29 24.12
CA ARG E 84 15.56 -24.11 24.36
C ARG E 84 14.81 -24.38 25.66
N ALA E 85 15.20 -23.68 26.72
CA ALA E 85 14.59 -23.89 28.03
C ALA E 85 14.42 -22.58 28.80
N PRO E 86 13.33 -21.84 28.55
CA PRO E 86 13.14 -20.55 29.23
C PRO E 86 12.96 -20.73 30.75
N GLY E 87 12.67 -21.95 31.17
CA GLY E 87 12.63 -22.29 32.58
C GLY E 87 11.22 -22.44 33.08
N GLY E 88 11.06 -23.11 34.21
CA GLY E 88 9.73 -23.34 34.75
C GLY E 88 8.94 -24.26 33.83
N SER E 89 7.79 -24.68 34.32
CA SER E 89 6.86 -25.48 33.54
C SER E 89 5.52 -25.51 34.23
N LYS E 90 4.54 -26.15 33.60
CA LYS E 90 3.19 -26.30 34.15
C LYS E 90 3.24 -27.32 35.28
N SER E 91 3.80 -28.48 34.94
CA SER E 91 3.99 -29.62 35.84
C SER E 91 4.63 -29.31 37.19
N LYS E 92 4.06 -29.91 38.23
CA LYS E 92 4.53 -29.74 39.61
C LYS E 92 5.57 -30.81 39.94
N THR E 93 5.92 -31.62 38.94
CA THR E 93 6.99 -32.61 39.07
C THR E 93 8.28 -31.81 38.86
N PRO E 94 9.19 -31.82 39.84
CA PRO E 94 10.28 -30.85 39.95
C PRO E 94 11.41 -30.85 38.92
N GLY E 95 11.75 -31.96 38.28
CA GLY E 95 12.93 -31.92 37.42
C GLY E 95 12.69 -31.15 36.13
N PRO E 96 13.75 -30.51 35.59
CA PRO E 96 13.61 -29.81 34.30
C PRO E 96 13.55 -30.79 33.11
N GLY E 97 12.60 -30.51 32.22
CA GLY E 97 12.31 -31.35 31.07
C GLY E 97 13.48 -31.62 30.16
N ALA E 98 14.22 -30.56 29.85
CA ALA E 98 15.32 -30.66 28.90
C ALA E 98 16.42 -31.62 29.38
N GLN E 99 16.79 -31.52 30.65
CA GLN E 99 17.83 -32.40 31.17
C GLN E 99 17.35 -33.85 31.21
N ALA E 100 16.09 -34.06 31.58
CA ALA E 100 15.51 -35.41 31.57
C ALA E 100 15.52 -35.98 30.16
N ALA E 101 15.15 -35.16 29.19
CA ALA E 101 15.19 -35.59 27.79
C ALA E 101 16.61 -35.99 27.38
N ILE E 102 17.61 -35.19 27.75
CA ILE E 102 18.98 -35.54 27.41
C ILE E 102 19.41 -36.89 28.01
N ARG E 103 19.07 -37.09 29.28
CA ARG E 103 19.42 -38.34 29.93
C ARG E 103 18.75 -39.52 29.23
N ALA E 104 17.50 -39.32 28.80
CA ALA E 104 16.77 -40.40 28.13
C ALA E 104 17.34 -40.70 26.74
N LEU E 105 17.81 -39.68 26.03
CA LEU E 105 18.46 -39.89 24.75
C LEU E 105 19.69 -40.76 24.96
N ALA E 106 20.48 -40.42 25.97
CA ALA E 106 21.69 -41.20 26.27
C ALA E 106 21.32 -42.64 26.65
N ARG E 107 20.29 -42.80 27.46
CA ARG E 107 19.88 -44.11 27.96
C ARG E 107 19.38 -45.01 26.82
N ALA E 108 18.79 -44.38 25.81
CA ALA E 108 18.27 -45.13 24.68
C ALA E 108 19.41 -45.55 23.75
N GLY E 109 20.62 -45.07 24.04
CA GLY E 109 21.78 -45.48 23.26
C GLY E 109 22.44 -44.45 22.36
N LEU E 110 21.99 -43.20 22.36
CA LEU E 110 22.70 -42.17 21.60
C LEU E 110 23.88 -41.66 22.38
N LYS E 111 25.02 -41.51 21.73
CA LYS E 111 26.13 -40.78 22.33
C LYS E 111 25.69 -39.32 22.34
N ILE E 112 26.13 -38.57 23.35
CA ILE E 112 25.81 -37.16 23.46
C ILE E 112 27.06 -36.30 23.23
N GLY E 113 26.96 -35.34 22.33
CA GLY E 113 28.07 -34.49 21.96
C GLY E 113 28.02 -33.22 22.77
N ARG E 114 28.34 -32.10 22.13
CA ARG E 114 28.20 -30.79 22.73
C ARG E 114 26.77 -30.48 23.14
N VAL E 115 26.60 -29.82 24.27
CA VAL E 115 25.27 -29.39 24.68
C VAL E 115 25.27 -27.87 24.74
N GLU E 116 24.41 -27.26 23.93
CA GLU E 116 24.40 -25.80 23.78
C GLU E 116 23.07 -25.21 24.23
N ASP E 117 23.13 -24.12 24.98
CA ASP E 117 21.91 -23.47 25.40
C ASP E 117 21.59 -22.39 24.38
N VAL E 118 20.57 -22.64 23.58
CA VAL E 118 20.04 -21.68 22.60
C VAL E 118 18.70 -21.01 23.00
N THR E 119 18.35 -21.03 24.30
CA THR E 119 17.03 -20.55 24.76
C THR E 119 16.75 -19.20 24.09
N PRO E 120 15.61 -19.10 23.39
CA PRO E 120 15.31 -17.90 22.59
C PRO E 120 14.97 -16.71 23.46
N ILE E 121 15.48 -15.54 23.09
CA ILE E 121 15.18 -14.31 23.81
C ILE E 121 14.38 -13.36 22.90
N PRO E 122 13.13 -13.07 23.28
CA PRO E 122 12.30 -12.21 22.44
C PRO E 122 12.90 -10.82 22.40
N HIS E 123 13.06 -10.26 21.20
CA HIS E 123 13.47 -8.86 21.10
C HIS E 123 12.90 -8.11 19.90
N ASP E 124 12.20 -7.01 20.18
CA ASP E 124 12.44 -5.66 19.68
C ASP E 124 11.35 -4.72 20.20
N GLY E 125 11.71 -3.47 20.46
CA GLY E 125 10.92 -2.67 21.38
C GLY E 125 12.03 -1.93 22.09
N THR E 126 11.90 -1.78 23.41
CA THR E 126 13.04 -1.40 24.23
C THR E 126 14.10 -2.49 24.26
N ARG E 127 15.34 -2.08 24.51
CA ARG E 127 16.45 -3.02 24.55
C ARG E 127 17.09 -2.95 25.93
N PRO E 128 17.09 -4.07 26.67
CA PRO E 128 17.65 -3.92 28.02
C PRO E 128 19.17 -3.77 27.96
N LYS E 129 19.78 -3.28 29.03
CA LYS E 129 21.23 -3.05 29.02
C LYS E 129 21.97 -4.38 28.94
N GLY E 130 22.98 -4.42 28.07
CA GLY E 130 23.68 -5.65 27.81
C GLY E 130 22.99 -6.43 26.70
N GLY E 131 22.00 -5.80 26.08
CA GLY E 131 21.25 -6.44 25.01
C GLY E 131 20.14 -7.30 25.59
N ARG E 132 19.57 -8.17 24.77
CA ARG E 132 18.43 -8.98 25.15
C ARG E 132 18.70 -9.93 26.33
N ARG E 133 19.95 -10.35 26.51
CA ARG E 133 20.34 -11.17 27.67
C ARG E 133 20.23 -10.40 28.97
N GLY E 134 20.08 -9.09 28.85
CA GLY E 134 19.93 -8.22 29.99
C GLY E 134 18.46 -8.17 30.37
N ARG E 135 17.66 -9.04 29.77
CA ARG E 135 16.24 -9.12 30.09
C ARG E 135 16.01 -9.47 31.54
N ARG E 136 16.57 -10.59 31.98
CA ARG E 136 16.38 -11.02 33.36
C ARG E 136 14.88 -11.30 33.56
N GLU F 12 -33.84 23.67 14.49
CA GLU F 12 -32.99 22.55 14.84
C GLU F 12 -33.54 21.25 14.26
N LYS F 13 -34.30 21.39 13.18
CA LYS F 13 -34.95 20.25 12.53
C LYS F 13 -33.96 19.55 11.60
N TRP F 14 -33.77 18.24 11.81
CA TRP F 14 -32.86 17.46 10.97
C TRP F 14 -33.59 16.43 10.14
N GLY F 15 -33.18 16.29 8.89
CA GLY F 15 -33.71 15.25 8.01
C GLY F 15 -32.75 14.14 7.62
N ILE F 16 -33.16 13.36 6.63
CA ILE F 16 -32.31 12.32 6.08
C ILE F 16 -32.31 12.43 4.58
N ALA F 17 -31.12 12.57 3.99
CA ALA F 17 -30.98 12.57 2.54
C ALA F 17 -30.62 11.16 2.07
N HIS F 18 -31.55 10.56 1.34
CA HIS F 18 -31.33 9.28 0.71
C HIS F 18 -30.81 9.52 -0.69
N ILE F 19 -29.58 9.10 -0.93
CA ILE F 19 -28.95 9.36 -2.21
C ILE F 19 -28.70 8.03 -2.91
N TYR F 20 -29.22 7.93 -4.13
CA TYR F 20 -29.06 6.72 -4.92
C TYR F 20 -28.35 7.04 -6.23
N SER F 21 -27.20 6.42 -6.50
CA SER F 21 -26.56 6.56 -7.81
C SER F 21 -26.82 5.29 -8.59
N SER F 22 -27.43 5.40 -9.78
CA SER F 22 -27.69 4.19 -10.57
C SER F 22 -26.92 4.20 -11.87
N TYR F 23 -27.17 3.22 -12.72
CA TYR F 23 -26.59 3.21 -14.05
C TYR F 23 -27.14 4.38 -14.87
N ASN F 24 -28.44 4.63 -14.74
CA ASN F 24 -29.10 5.64 -15.56
C ASN F 24 -29.31 7.01 -14.95
N ASN F 25 -29.14 7.14 -13.64
CA ASN F 25 -29.68 8.34 -13.00
C ASN F 25 -29.13 8.55 -11.60
N THR F 26 -29.52 9.66 -10.97
CA THR F 26 -29.22 9.89 -9.56
C THR F 26 -30.50 10.35 -8.90
N ILE F 27 -30.75 9.88 -7.68
CA ILE F 27 -31.95 10.27 -6.94
C ILE F 27 -31.57 10.84 -5.60
N ILE F 28 -32.15 11.98 -5.25
CA ILE F 28 -32.03 12.53 -3.92
C ILE F 28 -33.41 12.67 -3.30
N HIS F 29 -33.65 11.90 -2.23
CA HIS F 29 -34.94 11.90 -1.55
C HIS F 29 -34.72 12.29 -0.10
N ILE F 30 -35.16 13.48 0.25
CA ILE F 30 -35.00 13.96 1.59
C ILE F 30 -36.30 13.72 2.34
N THR F 31 -36.17 13.05 3.48
CA THR F 31 -37.31 12.81 4.34
C THR F 31 -37.04 13.45 5.69
N ASP F 32 -38.05 13.40 6.56
CA ASP F 32 -37.89 13.82 7.93
C ASP F 32 -37.09 12.77 8.71
N ILE F 33 -36.83 13.05 9.98
CA ILE F 33 -36.02 12.17 10.82
C ILE F 33 -36.59 10.75 10.96
N THR F 34 -37.91 10.61 10.87
CA THR F 34 -38.54 9.29 10.99
C THR F 34 -38.52 8.51 9.67
N GLY F 35 -38.44 9.24 8.57
CA GLY F 35 -38.44 8.64 7.23
C GLY F 35 -39.83 8.51 6.63
N ALA F 36 -40.84 8.85 7.42
CA ALA F 36 -42.22 8.76 6.99
C ALA F 36 -42.66 9.92 6.08
N GLU F 37 -42.16 11.13 6.36
CA GLU F 37 -42.59 12.32 5.63
C GLU F 37 -41.55 12.73 4.57
N THR F 38 -41.99 12.90 3.33
CA THR F 38 -41.08 13.30 2.25
C THR F 38 -40.94 14.80 2.22
N ILE F 39 -39.72 15.28 2.46
CA ILE F 39 -39.44 16.72 2.35
C ILE F 39 -39.21 17.17 0.89
N SER F 40 -38.37 16.44 0.16
CA SER F 40 -38.16 16.73 -1.28
C SER F 40 -37.71 15.49 -2.01
N ARG F 41 -38.03 15.39 -3.30
CA ARG F 41 -37.60 14.24 -4.09
C ARG F 41 -37.20 14.72 -5.48
N TRP F 42 -35.92 14.57 -5.84
CA TRP F 42 -35.39 15.07 -7.12
C TRP F 42 -34.50 14.05 -7.80
N SER F 43 -34.54 13.99 -9.12
CA SER F 43 -33.66 13.08 -9.85
C SER F 43 -32.93 13.82 -10.96
N GLY F 44 -31.86 13.24 -11.49
CA GLY F 44 -31.17 13.84 -12.61
C GLY F 44 -32.16 14.08 -13.75
N GLY F 45 -33.06 13.11 -13.94
CA GLY F 45 -34.08 13.21 -14.98
C GLY F 45 -35.03 14.39 -14.85
N MET F 46 -35.18 14.92 -13.64
CA MET F 46 -36.06 16.06 -13.45
C MET F 46 -35.38 17.38 -13.84
N VAL F 47 -34.06 17.44 -13.75
CA VAL F 47 -33.36 18.69 -14.06
C VAL F 47 -32.67 18.89 -15.41
N VAL F 48 -32.47 17.82 -16.17
CA VAL F 48 -31.77 17.94 -17.47
C VAL F 48 -32.65 17.50 -18.61
N LYS F 49 -32.43 18.08 -19.79
CA LYS F 49 -33.28 17.82 -20.94
C LYS F 49 -33.00 16.49 -21.63
N ALA F 50 -31.73 16.10 -21.67
CA ALA F 50 -31.32 14.97 -22.50
C ALA F 50 -31.12 13.69 -21.68
N ASP F 51 -31.63 12.59 -22.19
CA ASP F 51 -31.46 11.28 -21.56
C ASP F 51 -30.00 11.01 -21.22
N ARG F 52 -29.11 11.30 -22.16
CA ARG F 52 -27.69 11.01 -21.99
C ARG F 52 -27.03 11.80 -20.85
N ASP F 53 -27.63 12.90 -20.42
CA ASP F 53 -27.05 13.69 -19.33
C ASP F 53 -27.59 13.30 -17.96
N GLU F 54 -28.64 12.49 -17.94
CA GLU F 54 -29.25 12.07 -16.68
C GLU F 54 -28.27 11.40 -15.67
N PRO F 55 -27.38 10.50 -16.15
CA PRO F 55 -26.36 9.93 -15.26
C PRO F 55 -25.20 10.88 -14.85
N SER F 56 -25.07 12.02 -15.49
CA SER F 56 -23.98 12.96 -15.22
C SER F 56 -23.88 13.39 -13.74
N PRO F 57 -22.66 13.48 -13.22
CA PRO F 57 -22.52 14.06 -11.88
C PRO F 57 -22.97 15.53 -11.83
N TYR F 58 -22.91 16.25 -12.95
CA TYR F 58 -23.44 17.62 -12.98
C TYR F 58 -24.95 17.61 -12.75
N ALA F 59 -25.62 16.62 -13.35
CA ALA F 59 -27.06 16.44 -13.13
C ALA F 59 -27.36 16.08 -11.67
N ALA F 60 -26.52 15.22 -11.08
CA ALA F 60 -26.67 14.86 -9.68
C ALA F 60 -26.54 16.10 -8.80
N MET F 61 -25.56 16.94 -9.13
CA MET F 61 -25.32 18.15 -8.37
C MET F 61 -26.53 19.10 -8.45
N LEU F 62 -27.07 19.29 -9.65
CA LEU F 62 -28.24 20.17 -9.80
C LEU F 62 -29.50 19.61 -9.08
N ALA F 63 -29.73 18.32 -9.23
CA ALA F 63 -30.84 17.67 -8.53
C ALA F 63 -30.72 17.87 -7.02
N ALA F 64 -29.52 17.62 -6.50
CA ALA F 64 -29.28 17.80 -5.07
C ALA F 64 -29.46 19.27 -4.65
N ARG F 65 -29.05 20.20 -5.50
CA ARG F 65 -29.22 21.62 -5.19
C ARG F 65 -30.70 21.95 -5.04
N ARG F 66 -31.52 21.41 -5.94
CA ARG F 66 -32.97 21.65 -5.86
C ARG F 66 -33.59 21.03 -4.61
N ALA F 67 -33.17 19.79 -4.29
CA ALA F 67 -33.66 19.13 -3.09
C ALA F 67 -33.30 19.91 -1.84
N ALA F 68 -32.08 20.42 -1.81
CA ALA F 68 -31.60 21.17 -0.66
C ALA F 68 -32.38 22.45 -0.49
N GLU F 69 -32.57 23.17 -1.59
CA GLU F 69 -33.32 24.44 -1.52
C GLU F 69 -34.74 24.19 -1.00
N GLU F 70 -35.43 23.20 -1.57
CA GLU F 70 -36.73 22.79 -1.03
C GLU F 70 -36.72 22.47 0.47
N ALA F 71 -35.72 21.71 0.90
CA ALA F 71 -35.65 21.30 2.30
C ALA F 71 -35.41 22.48 3.22
N LEU F 72 -34.54 23.38 2.79
CA LEU F 72 -34.26 24.58 3.56
C LEU F 72 -35.50 25.46 3.68
N GLU F 73 -36.27 25.58 2.58
CA GLU F 73 -37.51 26.35 2.62
C GLU F 73 -38.55 25.73 3.57
N LYS F 74 -38.44 24.43 3.81
CA LYS F 74 -39.38 23.73 4.69
C LYS F 74 -38.90 23.61 6.14
N GLY F 75 -37.77 24.23 6.45
CA GLY F 75 -37.30 24.30 7.83
C GLY F 75 -36.23 23.30 8.26
N ILE F 76 -35.73 22.53 7.30
CA ILE F 76 -34.62 21.61 7.57
C ILE F 76 -33.29 22.34 7.65
N VAL F 77 -32.60 22.19 8.78
CA VAL F 77 -31.27 22.74 8.99
C VAL F 77 -30.13 21.83 8.48
N GLY F 78 -30.30 20.52 8.64
CA GLY F 78 -29.25 19.57 8.27
C GLY F 78 -29.75 18.21 7.84
N VAL F 79 -28.90 17.44 7.19
CA VAL F 79 -29.28 16.08 6.81
C VAL F 79 -28.21 15.06 7.15
N HIS F 80 -28.64 13.93 7.68
CA HIS F 80 -27.78 12.77 7.74
C HIS F 80 -27.86 12.16 6.35
N ILE F 81 -26.85 11.41 5.95
CA ILE F 81 -26.85 10.86 4.60
C ILE F 81 -26.90 9.34 4.62
N ARG F 82 -27.75 8.76 3.77
CA ARG F 82 -27.73 7.34 3.51
C ARG F 82 -27.53 7.10 2.03
N VAL F 83 -26.36 6.58 1.68
CA VAL F 83 -25.94 6.52 0.29
C VAL F 83 -26.05 5.13 -0.29
N ARG F 84 -26.61 5.05 -1.49
CA ARG F 84 -26.57 3.80 -2.25
C ARG F 84 -25.71 4.07 -3.49
N ALA F 85 -24.53 3.46 -3.57
CA ALA F 85 -23.64 3.70 -4.71
C ALA F 85 -22.99 2.41 -5.19
N PRO F 86 -23.72 1.67 -6.03
CA PRO F 86 -23.31 0.36 -6.53
C PRO F 86 -22.11 0.51 -7.44
N GLY F 87 -21.27 -0.51 -7.49
CA GLY F 87 -20.07 -0.50 -8.30
C GLY F 87 -19.88 -1.90 -8.84
N GLY F 88 -18.98 -2.07 -9.79
CA GLY F 88 -18.78 -3.37 -10.39
C GLY F 88 -18.20 -4.43 -9.48
N SER F 89 -18.26 -5.68 -9.93
CA SER F 89 -17.69 -6.80 -9.19
C SER F 89 -16.18 -6.95 -9.41
N LYS F 90 -15.74 -6.69 -10.64
CA LYS F 90 -14.34 -6.79 -11.01
C LYS F 90 -13.58 -5.56 -10.49
N SER F 91 -13.85 -4.40 -11.09
CA SER F 91 -13.40 -3.14 -10.52
C SER F 91 -14.57 -2.65 -9.68
N LYS F 92 -14.37 -2.36 -8.39
CA LYS F 92 -15.52 -1.90 -7.63
C LYS F 92 -15.44 -0.38 -7.53
N THR F 93 -16.06 0.29 -8.51
CA THR F 93 -16.08 1.76 -8.60
C THR F 93 -17.49 2.40 -8.66
N PRO F 94 -17.86 3.14 -7.59
CA PRO F 94 -19.17 3.79 -7.50
C PRO F 94 -19.27 5.04 -8.40
N GLY F 95 -18.14 5.66 -8.72
CA GLY F 95 -18.22 6.91 -9.46
C GLY F 95 -18.37 8.12 -8.53
N PRO F 96 -18.14 9.31 -9.09
CA PRO F 96 -18.22 10.58 -8.36
C PRO F 96 -19.62 11.08 -7.98
N GLY F 97 -20.68 10.57 -8.61
CA GLY F 97 -22.02 11.12 -8.45
C GLY F 97 -22.59 11.27 -7.06
N ALA F 98 -22.55 10.21 -6.25
CA ALA F 98 -23.15 10.28 -4.92
C ALA F 98 -22.48 11.35 -4.07
N GLN F 99 -21.15 11.36 -4.12
CA GLN F 99 -20.38 12.31 -3.33
C GLN F 99 -20.57 13.73 -3.86
N ALA F 100 -20.70 13.86 -5.18
CA ALA F 100 -20.96 15.17 -5.76
C ALA F 100 -22.30 15.68 -5.23
N ALA F 101 -23.31 14.81 -5.19
CA ALA F 101 -24.60 15.21 -4.65
C ALA F 101 -24.49 15.65 -3.20
N ILE F 102 -23.74 14.91 -2.39
CA ILE F 102 -23.58 15.28 -0.99
C ILE F 102 -22.93 16.68 -0.88
N ARG F 103 -21.88 16.88 -1.67
CA ARG F 103 -21.16 18.14 -1.66
C ARG F 103 -22.10 19.27 -2.09
N ALA F 104 -22.98 18.99 -3.05
CA ALA F 104 -23.93 20.01 -3.52
C ALA F 104 -24.94 20.33 -2.42
N LEU F 105 -25.30 19.33 -1.63
CA LEU F 105 -26.20 19.56 -0.51
C LEU F 105 -25.54 20.51 0.47
N ALA F 106 -24.27 20.24 0.79
CA ALA F 106 -23.55 21.12 1.71
C ALA F 106 -23.45 22.55 1.19
N ARG F 107 -23.08 22.70 -0.08
CA ARG F 107 -22.85 24.03 -0.63
C ARG F 107 -24.14 24.84 -0.74
N ALA F 108 -25.27 24.14 -0.83
CA ALA F 108 -26.56 24.81 -0.92
C ALA F 108 -27.04 25.35 0.44
N GLY F 109 -26.29 25.04 1.49
CA GLY F 109 -26.61 25.52 2.83
C GLY F 109 -27.11 24.52 3.87
N LEU F 110 -27.20 23.24 3.54
CA LEU F 110 -27.51 22.24 4.57
C LEU F 110 -26.26 21.82 5.35
N LYS F 111 -26.39 21.66 6.67
CA LYS F 111 -25.36 20.96 7.44
C LYS F 111 -25.41 19.47 7.11
N ILE F 112 -24.26 18.80 7.19
CA ILE F 112 -24.19 17.36 6.93
C ILE F 112 -23.91 16.61 8.23
N GLY F 113 -24.77 15.62 8.52
CA GLY F 113 -24.70 14.82 9.74
C GLY F 113 -23.94 13.53 9.51
N ARG F 114 -24.40 12.45 10.13
CA ARG F 114 -23.84 11.12 9.87
C ARG F 114 -23.92 10.79 8.38
N VAL F 115 -22.88 10.13 7.87
CA VAL F 115 -22.92 9.62 6.50
C VAL F 115 -22.76 8.11 6.53
N GLU F 116 -23.76 7.38 6.04
CA GLU F 116 -23.68 5.93 6.09
C GLU F 116 -23.90 5.30 4.70
N ASP F 117 -23.02 4.38 4.35
CA ASP F 117 -23.13 3.69 3.07
C ASP F 117 -23.97 2.42 3.27
N VAL F 118 -25.17 2.50 2.70
CA VAL F 118 -26.18 1.45 2.68
C VAL F 118 -26.27 0.71 1.36
N THR F 119 -25.23 0.84 0.52
CA THR F 119 -25.31 0.28 -0.83
C THR F 119 -25.84 -1.16 -0.79
N PRO F 120 -26.93 -1.40 -1.52
CA PRO F 120 -27.64 -2.68 -1.42
C PRO F 120 -26.90 -3.84 -2.08
N ILE F 121 -26.88 -4.98 -1.41
CA ILE F 121 -26.25 -6.18 -1.96
C ILE F 121 -27.39 -7.14 -2.28
N PRO F 122 -27.60 -7.41 -3.58
CA PRO F 122 -28.70 -8.32 -3.92
C PRO F 122 -28.37 -9.68 -3.34
N HIS F 123 -29.26 -10.23 -2.53
CA HIS F 123 -29.09 -11.60 -2.07
C HIS F 123 -30.39 -12.38 -1.81
N ASP F 124 -30.58 -13.47 -2.55
CA ASP F 124 -30.76 -14.82 -1.99
C ASP F 124 -30.66 -15.85 -3.09
N GLY F 125 -30.05 -16.98 -2.78
CA GLY F 125 -29.51 -17.81 -3.83
C GLY F 125 -28.29 -18.46 -3.25
N THR F 126 -27.27 -18.59 -4.09
CA THR F 126 -25.94 -18.89 -3.58
C THR F 126 -25.55 -17.70 -2.70
N ARG F 127 -24.76 -17.95 -1.66
CA ARG F 127 -24.24 -16.88 -0.82
C ARG F 127 -22.71 -16.96 -0.89
N PRO F 128 -22.07 -15.88 -1.39
CA PRO F 128 -20.61 -15.85 -1.42
C PRO F 128 -20.01 -15.59 -0.04
N LYS F 129 -18.68 -15.54 0.03
CA LYS F 129 -17.99 -15.38 1.31
C LYS F 129 -17.34 -14.00 1.43
N LYS G 11 -6.10 -33.24 -1.43
CA LYS G 11 -4.95 -33.40 -0.54
C LYS G 11 -3.62 -33.33 -1.27
N GLU G 12 -3.61 -32.76 -2.48
CA GLU G 12 -2.39 -32.71 -3.28
C GLU G 12 -1.67 -31.36 -3.14
N LYS G 13 -0.45 -31.42 -2.64
CA LYS G 13 0.36 -30.24 -2.33
C LYS G 13 1.09 -29.63 -3.51
N TRP G 14 0.90 -28.33 -3.69
CA TRP G 14 1.55 -27.59 -4.78
C TRP G 14 2.60 -26.60 -4.28
N GLY G 15 3.74 -26.56 -4.95
CA GLY G 15 4.77 -25.59 -4.65
C GLY G 15 4.98 -24.54 -5.72
N ILE G 16 6.06 -23.79 -5.58
CA ILE G 16 6.46 -22.81 -6.59
C ILE G 16 7.92 -22.98 -6.95
N ALA G 17 8.18 -23.13 -8.24
CA ALA G 17 9.57 -23.24 -8.71
C ALA G 17 10.05 -21.88 -9.19
N HIS G 18 11.01 -21.33 -8.45
CA HIS G 18 11.62 -20.07 -8.83
C HIS G 18 12.86 -20.40 -9.64
N ILE G 19 12.83 -20.01 -10.90
CA ILE G 19 13.91 -20.34 -11.82
C ILE G 19 14.64 -19.07 -12.27
N TYR G 20 15.94 -19.01 -12.02
CA TYR G 20 16.72 -17.84 -12.42
C TYR G 20 17.79 -18.27 -13.42
N SER G 21 17.77 -17.71 -14.63
CA SER G 21 18.84 -17.92 -15.60
C SER G 21 19.70 -16.66 -15.58
N SER G 22 20.96 -16.79 -15.20
CA SER G 22 21.86 -15.63 -15.14
C SER G 22 22.91 -15.77 -16.23
N TYR G 23 23.86 -14.85 -16.28
CA TYR G 23 24.97 -15.00 -17.24
C TYR G 23 25.81 -16.21 -16.86
N ASN G 24 26.02 -16.40 -15.55
CA ASN G 24 26.93 -17.44 -15.05
C ASN G 24 26.35 -18.77 -14.63
N ASN G 25 25.04 -18.86 -14.50
CA ASN G 25 24.48 -20.01 -13.79
C ASN G 25 22.97 -20.13 -13.94
N THR G 26 22.42 -21.17 -13.35
CA THR G 26 20.97 -21.33 -13.26
C THR G 26 20.63 -21.75 -11.85
N ILE G 27 19.54 -21.21 -11.32
CA ILE G 27 19.06 -21.57 -9.98
C ILE G 27 17.62 -22.09 -10.07
N ILE G 28 17.36 -23.21 -9.43
CA ILE G 28 15.98 -23.68 -9.24
C ILE G 28 15.73 -23.80 -7.76
N HIS G 29 14.82 -22.96 -7.27
CA HIS G 29 14.51 -22.92 -5.87
C HIS G 29 13.03 -23.22 -5.74
N ILE G 30 12.70 -24.38 -5.18
CA ILE G 30 11.32 -24.74 -4.99
C ILE G 30 10.91 -24.45 -3.56
N THR G 31 9.85 -23.66 -3.43
CA THR G 31 9.29 -23.34 -2.14
C THR G 31 7.85 -23.84 -2.08
N ASP G 32 7.23 -23.70 -0.90
CA ASP G 32 5.80 -23.93 -0.76
C ASP G 32 5.05 -22.74 -1.34
N ILE G 33 3.71 -22.77 -1.32
CA ILE G 33 2.92 -21.66 -1.86
C ILE G 33 3.19 -20.32 -1.15
N THR G 34 3.51 -20.38 0.14
CA THR G 34 3.71 -19.17 0.95
C THR G 34 5.08 -18.56 0.72
N GLY G 35 6.02 -19.37 0.22
CA GLY G 35 7.36 -18.90 -0.05
C GLY G 35 8.29 -19.01 1.14
N ALA G 36 7.74 -19.41 2.29
CA ALA G 36 8.52 -19.50 3.51
C ALA G 36 9.38 -20.76 3.56
N GLU G 37 8.87 -21.87 3.04
CA GLU G 37 9.56 -23.13 3.16
C GLU G 37 10.34 -23.46 1.92
N THR G 38 11.64 -23.70 2.07
CA THR G 38 12.43 -24.13 0.94
C THR G 38 12.26 -25.62 0.83
N ILE G 39 11.65 -26.05 -0.27
CA ILE G 39 11.48 -27.48 -0.55
C ILE G 39 12.78 -28.04 -1.11
N SER G 40 13.32 -27.37 -2.11
CA SER G 40 14.64 -27.77 -2.63
C SER G 40 15.35 -26.58 -3.26
N ARG G 41 16.67 -26.59 -3.26
CA ARG G 41 17.44 -25.51 -3.89
C ARG G 41 18.65 -26.11 -4.62
N TRP G 42 18.69 -25.95 -5.94
CA TRP G 42 19.78 -26.52 -6.75
C TRP G 42 20.23 -25.49 -7.75
N SER G 43 21.53 -25.48 -8.04
CA SER G 43 22.05 -24.60 -9.08
C SER G 43 22.90 -25.42 -10.03
N GLY G 44 23.20 -24.85 -11.20
CA GLY G 44 24.09 -25.50 -12.14
C GLY G 44 25.43 -25.79 -11.46
N GLY G 45 25.89 -24.85 -10.66
CA GLY G 45 27.15 -24.97 -9.96
C GLY G 45 27.22 -26.12 -8.98
N MET G 46 26.06 -26.57 -8.52
CA MET G 46 26.02 -27.73 -7.62
C MET G 46 26.13 -29.06 -8.38
N VAL G 47 25.71 -29.09 -9.65
CA VAL G 47 25.74 -30.34 -10.38
C VAL G 47 26.87 -30.59 -11.40
N VAL G 48 27.58 -29.55 -11.84
CA VAL G 48 28.64 -29.75 -12.85
C VAL G 48 29.99 -29.27 -12.31
N LYS G 49 31.05 -29.90 -12.78
CA LYS G 49 32.40 -29.66 -12.24
C LYS G 49 33.07 -28.39 -12.73
N ALA G 50 32.86 -28.05 -14.00
CA ALA G 50 33.65 -26.99 -14.61
C ALA G 50 32.90 -25.69 -14.63
N ASP G 51 33.61 -24.62 -14.28
CA ASP G 51 33.03 -23.28 -14.24
C ASP G 51 32.30 -22.95 -15.54
N ARG G 52 32.91 -23.31 -16.67
CA ARG G 52 32.35 -23.02 -17.99
C ARG G 52 31.06 -23.76 -18.34
N ASP G 53 30.77 -24.85 -17.64
CA ASP G 53 29.53 -25.59 -17.91
C ASP G 53 28.37 -25.16 -17.03
N GLU G 54 28.64 -24.32 -16.03
CA GLU G 54 27.59 -23.84 -15.12
C GLU G 54 26.38 -23.16 -15.82
N PRO G 55 26.62 -22.27 -16.81
CA PRO G 55 25.56 -21.63 -17.60
C PRO G 55 24.85 -22.57 -18.59
N SER G 56 25.37 -23.80 -18.76
CA SER G 56 24.81 -24.74 -19.72
C SER G 56 23.33 -25.09 -19.48
N PRO G 57 22.57 -25.17 -20.56
CA PRO G 57 21.19 -25.64 -20.43
C PRO G 57 21.16 -27.09 -19.95
N TYR G 58 22.22 -27.87 -20.21
CA TYR G 58 22.31 -29.23 -19.66
C TYR G 58 22.49 -29.16 -18.14
N ALA G 59 23.27 -28.18 -17.68
CA ALA G 59 23.41 -28.00 -16.24
C ALA G 59 22.07 -27.59 -15.62
N ALA G 60 21.33 -26.74 -16.33
CA ALA G 60 20.01 -26.31 -15.84
C ALA G 60 19.08 -27.51 -15.72
N MET G 61 19.10 -28.37 -16.74
CA MET G 61 18.24 -29.55 -16.77
C MET G 61 18.59 -30.49 -15.61
N LEU G 62 19.88 -30.74 -15.36
CA LEU G 62 20.27 -31.62 -14.25
C LEU G 62 19.92 -31.03 -12.88
N ALA G 63 20.18 -29.73 -12.73
CA ALA G 63 19.86 -29.06 -11.46
C ALA G 63 18.36 -29.21 -11.19
N ALA G 64 17.58 -28.96 -12.23
CA ALA G 64 16.13 -29.06 -12.13
C ALA G 64 15.66 -30.48 -11.82
N ARG G 65 16.31 -31.47 -12.42
CA ARG G 65 15.98 -32.87 -12.14
C ARG G 65 16.19 -33.18 -10.66
N ARG G 66 17.32 -32.72 -10.11
CA ARG G 66 17.61 -32.93 -8.70
C ARG G 66 16.59 -32.24 -7.77
N ALA G 67 16.25 -30.98 -8.10
CA ALA G 67 15.25 -30.24 -7.31
C ALA G 67 13.90 -30.94 -7.34
N ALA G 68 13.54 -31.42 -8.52
CA ALA G 68 12.26 -32.10 -8.71
C ALA G 68 12.18 -33.38 -7.92
N GLU G 69 13.24 -34.20 -7.97
CA GLU G 69 13.24 -35.47 -7.23
C GLU G 69 13.09 -35.18 -5.74
N GLU G 70 13.85 -34.21 -5.23
CA GLU G 70 13.65 -33.77 -3.84
C GLU G 70 12.21 -33.32 -3.52
N ALA G 71 11.61 -32.53 -4.39
CA ALA G 71 10.25 -32.03 -4.13
C ALA G 71 9.25 -33.17 -4.10
N LEU G 72 9.41 -34.09 -5.03
CA LEU G 72 8.54 -35.25 -5.12
C LEU G 72 8.66 -36.14 -3.89
N GLU G 73 9.89 -36.33 -3.41
CA GLU G 73 10.09 -37.13 -2.19
C GLU G 73 9.42 -36.45 -0.97
N LYS G 74 9.26 -35.13 -1.02
CA LYS G 74 8.65 -34.40 0.10
C LYS G 74 7.13 -34.21 -0.05
N GLY G 75 6.54 -34.80 -1.07
CA GLY G 75 5.10 -34.80 -1.21
C GLY G 75 4.54 -33.75 -2.14
N ILE G 76 5.43 -33.03 -2.82
CA ILE G 76 4.97 -32.05 -3.81
C ILE G 76 4.52 -32.76 -5.09
N VAL G 77 3.27 -32.52 -5.47
CA VAL G 77 2.70 -33.05 -6.69
C VAL G 77 2.95 -32.21 -7.94
N GLY G 78 2.91 -30.90 -7.78
CA GLY G 78 3.08 -29.97 -8.88
C GLY G 78 3.66 -28.63 -8.47
N VAL G 79 4.19 -27.89 -9.43
CA VAL G 79 4.72 -26.55 -9.14
C VAL G 79 4.23 -25.49 -10.13
N HIS G 80 3.95 -24.31 -9.59
CA HIS G 80 3.82 -23.12 -10.41
C HIS G 80 5.22 -22.64 -10.70
N ILE G 81 5.39 -21.91 -11.79
CA ILE G 81 6.74 -21.47 -12.18
C ILE G 81 6.85 -19.96 -12.16
N ARG G 82 7.89 -19.43 -11.54
CA ARG G 82 8.19 -18.00 -11.69
C ARG G 82 9.60 -17.84 -12.22
N VAL G 83 9.70 -17.38 -13.46
CA VAL G 83 10.95 -17.39 -14.19
C VAL G 83 11.59 -16.04 -14.26
N ARG G 84 12.87 -15.99 -13.94
CA ARG G 84 13.66 -14.82 -14.19
C ARG G 84 14.62 -15.20 -15.30
N ALA G 85 14.40 -14.63 -16.48
CA ALA G 85 15.24 -14.93 -17.65
C ALA G 85 15.57 -13.65 -18.41
N PRO G 86 16.59 -12.94 -17.94
CA PRO G 86 17.00 -11.64 -18.51
C PRO G 86 17.56 -11.90 -19.88
N GLY G 87 17.44 -10.91 -20.77
CA GLY G 87 17.92 -11.02 -22.13
C GLY G 87 18.43 -9.67 -22.54
N GLY G 88 19.18 -9.63 -23.64
CA GLY G 88 19.79 -8.38 -24.07
C GLY G 88 18.77 -7.30 -24.41
N SER G 89 19.24 -6.07 -24.54
CA SER G 89 18.36 -4.98 -24.90
C SER G 89 18.16 -4.93 -26.42
N LYS G 90 19.20 -5.28 -27.16
CA LYS G 90 19.13 -5.24 -28.62
C LYS G 90 18.38 -6.48 -29.11
N SER G 91 18.99 -7.65 -28.91
CA SER G 91 18.29 -8.90 -29.10
C SER G 91 17.55 -9.21 -27.81
N LYS G 92 16.23 -9.39 -27.84
CA LYS G 92 15.59 -9.72 -26.59
C LYS G 92 15.37 -11.23 -26.61
N THR G 93 16.28 -11.95 -25.98
CA THR G 93 16.16 -13.40 -25.92
C THR G 93 16.68 -13.99 -24.61
N PRO G 94 15.85 -14.80 -23.95
CA PRO G 94 16.17 -15.42 -22.66
C PRO G 94 17.15 -16.58 -22.80
N GLY G 95 17.19 -17.22 -23.97
CA GLY G 95 17.93 -18.47 -24.11
C GLY G 95 17.02 -19.65 -23.78
N PRO G 96 17.45 -20.87 -24.16
CA PRO G 96 16.72 -22.11 -23.87
C PRO G 96 16.75 -22.60 -22.43
N GLY G 97 17.69 -22.10 -21.62
CA GLY G 97 17.91 -22.63 -20.29
C GLY G 97 16.74 -22.71 -19.33
N ALA G 98 16.01 -21.61 -19.18
CA ALA G 98 14.91 -21.56 -18.24
C ALA G 98 13.83 -22.56 -18.63
N GLN G 99 13.51 -22.60 -19.93
CA GLN G 99 12.48 -23.51 -20.42
C GLN G 99 12.96 -24.96 -20.31
N ALA G 100 14.24 -25.17 -20.58
CA ALA G 100 14.80 -26.51 -20.46
C ALA G 100 14.63 -26.98 -19.03
N ALA G 101 14.87 -26.09 -18.07
CA ALA G 101 14.64 -26.42 -16.66
C ALA G 101 13.19 -26.76 -16.37
N ILE G 102 12.27 -25.94 -16.85
CA ILE G 102 10.85 -26.22 -16.63
C ILE G 102 10.48 -27.60 -17.16
N ARG G 103 10.99 -27.88 -18.36
CA ARG G 103 10.72 -29.14 -19.01
C ARG G 103 11.31 -30.28 -18.18
N ALA G 104 12.49 -30.07 -17.59
CA ALA G 104 13.09 -31.14 -16.81
C ALA G 104 12.29 -31.39 -15.55
N LEU G 105 11.67 -30.33 -15.02
CA LEU G 105 10.81 -30.50 -13.86
C LEU G 105 9.65 -31.41 -14.25
N ALA G 106 9.04 -31.15 -15.40
CA ALA G 106 7.94 -32.00 -15.84
C ALA G 106 8.39 -33.45 -16.07
N ARG G 107 9.51 -33.63 -16.77
CA ARG G 107 9.95 -34.97 -17.16
C ARG G 107 10.29 -35.78 -15.91
N ALA G 108 10.68 -35.12 -14.83
CA ALA G 108 10.99 -35.82 -13.59
C ALA G 108 9.70 -36.24 -12.88
N GLY G 109 8.55 -35.81 -13.41
CA GLY G 109 7.27 -36.22 -12.87
C GLY G 109 6.44 -35.20 -12.10
N LEU G 110 6.90 -33.95 -11.99
CA LEU G 110 6.07 -32.90 -11.39
C LEU G 110 5.08 -32.37 -12.40
N LYS G 111 3.85 -32.11 -11.95
CA LYS G 111 2.90 -31.37 -12.75
C LYS G 111 3.33 -29.91 -12.79
N ILE G 112 3.03 -29.23 -13.90
CA ILE G 112 3.35 -27.83 -14.06
C ILE G 112 2.07 -27.00 -14.04
N GLY G 113 2.04 -25.98 -13.19
CA GLY G 113 0.90 -25.10 -13.04
C GLY G 113 1.05 -23.84 -13.87
N ARG G 114 0.60 -22.71 -13.34
CA ARG G 114 0.85 -21.43 -14.00
C ARG G 114 2.34 -21.17 -14.18
N VAL G 115 2.68 -20.58 -15.33
CA VAL G 115 4.03 -20.15 -15.61
C VAL G 115 4.06 -18.63 -15.77
N GLU G 116 4.85 -17.95 -14.95
CA GLU G 116 4.86 -16.48 -14.98
C GLU G 116 6.28 -15.96 -15.18
N ASP G 117 6.44 -15.03 -16.12
CA ASP G 117 7.74 -14.43 -16.34
C ASP G 117 7.80 -13.21 -15.45
N VAL G 118 8.62 -13.32 -14.42
CA VAL G 118 8.92 -12.25 -13.45
C VAL G 118 10.26 -11.55 -13.65
N THR G 119 10.87 -11.67 -14.82
CA THR G 119 12.22 -11.16 -15.05
C THR G 119 12.35 -9.73 -14.52
N PRO G 120 13.33 -9.50 -13.63
CA PRO G 120 13.53 -8.22 -12.93
C PRO G 120 14.11 -7.13 -13.84
N ILE G 121 13.58 -5.92 -13.67
CA ILE G 121 14.03 -4.76 -14.39
C ILE G 121 14.68 -3.84 -13.37
N PRO G 122 16.01 -3.63 -13.49
CA PRO G 122 16.59 -2.73 -12.50
C PRO G 122 16.07 -1.33 -12.75
N HIS G 123 15.50 -0.70 -11.72
CA HIS G 123 15.19 0.70 -11.85
C HIS G 123 15.27 1.49 -10.54
N ASP G 124 16.12 2.52 -10.52
CA ASP G 124 15.77 3.88 -10.19
C ASP G 124 16.83 4.82 -10.68
N GLY G 125 16.38 5.94 -11.21
CA GLY G 125 17.23 6.70 -12.11
C GLY G 125 16.32 7.27 -13.15
N THR G 126 16.86 7.31 -14.37
CA THR G 126 16.09 7.47 -15.59
C THR G 126 15.22 6.23 -15.85
N ARG G 127 14.15 6.39 -16.61
CA ARG G 127 13.32 5.26 -17.06
C ARG G 127 13.16 5.31 -18.58
N PRO G 128 13.37 4.18 -19.28
CA PRO G 128 13.14 4.28 -20.72
C PRO G 128 11.66 4.22 -21.12
N LYS G 129 11.28 4.90 -22.20
CA LYS G 129 9.91 4.81 -22.72
C LYS G 129 9.77 3.60 -23.65
N GLY G 130 8.71 2.83 -23.49
CA GLY G 130 8.52 1.62 -24.29
C GLY G 130 9.15 0.38 -23.67
N GLU H 12 4.61 52.37 -29.59
CA GLU H 12 4.70 52.86 -28.21
C GLU H 12 5.31 51.79 -27.29
N LYS H 13 5.80 52.20 -26.13
CA LYS H 13 6.44 51.25 -25.21
C LYS H 13 5.47 50.57 -24.22
N TRP H 14 5.41 49.25 -24.32
CA TRP H 14 4.48 48.46 -23.52
C TRP H 14 5.17 47.53 -22.54
N GLY H 15 4.65 47.45 -21.32
CA GLY H 15 5.11 46.49 -20.33
C GLY H 15 4.10 45.42 -19.98
N ILE H 16 4.39 44.70 -18.90
CA ILE H 16 3.47 43.70 -18.38
C ILE H 16 3.27 43.96 -16.90
N ALA H 17 2.01 44.07 -16.48
CA ALA H 17 1.69 44.18 -15.06
C ALA H 17 1.29 42.81 -14.52
N HIS H 18 2.14 42.27 -13.66
CA HIS H 18 1.86 40.98 -13.00
C HIS H 18 1.13 41.31 -11.72
N ILE H 19 -0.10 40.84 -11.61
CA ILE H 19 -0.91 41.17 -10.44
C ILE H 19 -1.19 39.89 -9.68
N TYR H 20 -0.81 39.86 -8.41
CA TYR H 20 -1.03 38.68 -7.57
C TYR H 20 -1.97 39.04 -6.42
N SER H 21 -3.12 38.39 -6.33
CA SER H 21 -4.02 38.55 -5.17
C SER H 21 -3.93 37.31 -4.32
N SER H 22 -3.45 37.45 -3.10
CA SER H 22 -3.25 36.30 -2.23
C SER H 22 -4.23 36.37 -1.09
N TYR H 23 -4.13 35.45 -0.15
CA TYR H 23 -4.97 35.52 1.02
C TYR H 23 -4.67 36.80 1.80
N ASN H 24 -3.39 37.13 1.92
CA ASN H 24 -2.92 38.23 2.75
C ASN H 24 -2.64 39.58 2.13
N ASN H 25 -2.59 39.64 0.81
CA ASN H 25 -2.00 40.81 0.19
C ASN H 25 -2.28 40.89 -1.29
N THR H 26 -1.82 41.97 -1.90
CA THR H 26 -1.87 42.13 -3.33
C THR H 26 -0.52 42.65 -3.76
N ILE H 27 -0.01 42.14 -4.87
CA ILE H 27 1.27 42.59 -5.40
C ILE H 27 1.05 43.06 -6.81
N ILE H 28 1.61 44.23 -7.15
CA ILE H 28 1.68 44.66 -8.55
C ILE H 28 3.14 44.82 -8.97
N HIS H 29 3.57 43.99 -9.90
CA HIS H 29 4.97 44.00 -10.34
C HIS H 29 4.96 44.28 -11.83
N ILE H 30 5.43 45.44 -12.25
CA ILE H 30 5.44 45.75 -13.66
C ILE H 30 6.82 45.45 -14.23
N THR H 31 6.88 44.70 -15.32
CA THR H 31 8.15 44.49 -16.00
C THR H 31 8.12 45.01 -17.44
N ASP H 32 9.26 44.96 -18.12
CA ASP H 32 9.32 45.28 -19.53
C ASP H 32 8.65 44.10 -20.24
N ILE H 33 8.51 44.22 -21.56
CA ILE H 33 7.78 43.21 -22.31
C ILE H 33 8.40 41.80 -22.20
N THR H 34 9.72 41.72 -22.01
CA THR H 34 10.43 40.44 -21.93
C THR H 34 10.39 39.80 -20.54
N GLY H 35 10.08 40.62 -19.53
CA GLY H 35 10.02 40.14 -18.16
C GLY H 35 11.35 40.22 -17.42
N ALA H 36 12.39 40.63 -18.13
CA ALA H 36 13.74 40.65 -17.57
C ALA H 36 13.98 41.85 -16.65
N GLU H 37 13.40 42.99 -17.01
CA GLU H 37 13.61 44.24 -16.30
C GLU H 37 12.43 44.63 -15.44
N THR H 38 12.69 44.92 -14.17
CA THR H 38 11.62 45.39 -13.29
C THR H 38 11.44 46.91 -13.41
N ILE H 39 10.26 47.33 -13.86
CA ILE H 39 9.89 48.74 -13.92
C ILE H 39 9.41 49.32 -12.57
N SER H 40 8.48 48.63 -11.90
CA SER H 40 8.03 49.00 -10.55
C SER H 40 7.50 47.79 -9.81
N ARG H 41 7.59 47.81 -8.49
CA ARG H 41 7.11 46.72 -7.66
C ARG H 41 6.44 47.27 -6.41
N TRP H 42 5.14 47.04 -6.25
CA TRP H 42 4.41 47.55 -5.08
C TRP H 42 3.43 46.50 -4.54
N SER H 43 3.28 46.47 -3.23
CA SER H 43 2.28 45.60 -2.63
C SER H 43 1.43 46.39 -1.66
N GLY H 44 0.28 45.82 -1.28
CA GLY H 44 -0.60 46.46 -0.32
C GLY H 44 0.09 46.81 0.98
N GLY H 45 0.95 45.91 1.43
CA GLY H 45 1.70 46.10 2.66
C GLY H 45 2.63 47.31 2.65
N MET H 46 3.00 47.78 1.46
CA MET H 46 3.85 48.96 1.37
C MET H 46 3.06 50.25 1.53
N VAL H 47 1.78 50.22 1.15
CA VAL H 47 1.00 51.47 1.17
C VAL H 47 0.03 51.75 2.34
N VAL H 48 -0.31 50.75 3.14
CA VAL H 48 -1.29 50.94 4.23
C VAL H 48 -0.66 50.59 5.55
N LYS H 49 -1.12 51.24 6.62
CA LYS H 49 -0.51 51.11 7.94
C LYS H 49 -0.88 49.85 8.71
N ALA H 50 -2.12 49.38 8.57
CA ALA H 50 -2.59 48.29 9.43
C ALA H 50 -2.59 46.96 8.69
N ASP H 51 -2.08 45.92 9.33
CA ASP H 51 -2.05 44.59 8.73
C ASP H 51 -3.40 44.17 8.16
N ARG H 52 -4.48 44.43 8.89
CA ARG H 52 -5.80 44.03 8.46
C ARG H 52 -6.23 44.71 7.15
N ASP H 53 -5.61 45.83 6.81
CA ASP H 53 -6.01 46.52 5.57
C ASP H 53 -5.18 46.09 4.37
N GLU H 54 -4.11 45.33 4.58
CA GLU H 54 -3.25 44.94 3.45
C GLU H 54 -3.96 44.16 2.30
N PRO H 55 -4.86 43.21 2.64
CA PRO H 55 -5.69 42.54 1.61
C PRO H 55 -6.81 43.41 0.98
N SER H 56 -7.09 44.59 1.54
CA SER H 56 -8.17 45.44 1.04
C SER H 56 -8.03 45.75 -0.45
N PRO H 57 -9.15 45.73 -1.19
CA PRO H 57 -9.09 46.19 -2.57
C PRO H 57 -8.66 47.64 -2.67
N TYR H 58 -8.91 48.41 -1.61
CA TYR H 58 -8.41 49.79 -1.59
C TYR H 58 -6.89 49.85 -1.53
N ALA H 59 -6.28 48.94 -0.77
CA ALA H 59 -4.82 48.84 -0.72
C ALA H 59 -4.26 48.42 -2.07
N ALA H 60 -4.98 47.52 -2.74
CA ALA H 60 -4.62 47.07 -4.08
C ALA H 60 -4.62 48.27 -5.04
N MET H 61 -5.63 49.12 -4.92
CA MET H 61 -5.75 50.29 -5.78
C MET H 61 -4.60 51.25 -5.53
N LEU H 62 -4.30 51.52 -4.27
CA LEU H 62 -3.21 52.44 -3.98
C LEU H 62 -1.83 51.90 -4.45
N ALA H 63 -1.60 50.61 -4.23
CA ALA H 63 -0.36 49.97 -4.68
C ALA H 63 -0.25 50.11 -6.20
N ALA H 64 -1.34 49.84 -6.88
CA ALA H 64 -1.36 49.92 -8.34
C ALA H 64 -1.12 51.35 -8.84
N ARG H 65 -1.68 52.34 -8.15
CA ARG H 65 -1.43 53.71 -8.56
C ARG H 65 0.04 54.06 -8.41
N ARG H 66 0.68 53.61 -7.32
CA ARG H 66 2.11 53.87 -7.16
C ARG H 66 2.93 53.21 -8.29
N ALA H 67 2.60 51.95 -8.58
CA ALA H 67 3.31 51.22 -9.66
C ALA H 67 3.13 51.89 -11.02
N ALA H 68 1.89 52.31 -11.29
CA ALA H 68 1.54 52.93 -12.57
C ALA H 68 2.29 54.23 -12.74
N GLU H 69 2.33 55.02 -11.67
CA GLU H 69 3.05 56.28 -11.72
C GLU H 69 4.52 56.05 -12.05
N GLU H 70 5.16 55.14 -11.31
CA GLU H 70 6.56 54.83 -11.62
C GLU H 70 6.76 54.39 -13.07
N ALA H 71 5.87 53.53 -13.57
CA ALA H 71 6.00 53.00 -14.93
C ALA H 71 5.85 54.10 -15.98
N LEU H 72 4.90 55.00 -15.73
CA LEU H 72 4.70 56.12 -16.64
C LEU H 72 5.93 57.04 -16.66
N GLU H 73 6.53 57.32 -15.50
CA GLU H 73 7.74 58.16 -15.51
C GLU H 73 8.88 57.47 -16.27
N LYS H 74 8.86 56.14 -16.35
CA LYS H 74 9.95 55.44 -17.02
C LYS H 74 9.66 55.23 -18.50
N GLY H 75 8.54 55.78 -18.97
CA GLY H 75 8.25 55.76 -20.39
C GLY H 75 7.34 54.62 -20.80
N ILE H 76 6.79 53.88 -19.85
CA ILE H 76 5.81 52.86 -20.22
C ILE H 76 4.46 53.56 -20.53
N VAL H 77 3.94 53.31 -21.72
CA VAL H 77 2.64 53.83 -22.15
C VAL H 77 1.43 52.95 -21.77
N GLY H 78 1.63 51.64 -21.81
CA GLY H 78 0.55 50.70 -21.56
C GLY H 78 1.08 49.41 -21.01
N VAL H 79 0.21 48.62 -20.38
CA VAL H 79 0.61 47.31 -19.87
C VAL H 79 -0.40 46.26 -20.25
N HIS H 80 0.08 45.09 -20.62
CA HIS H 80 -0.76 43.89 -20.66
C HIS H 80 -0.84 43.36 -19.25
N ILE H 81 -1.89 42.63 -18.92
CA ILE H 81 -2.05 42.20 -17.55
C ILE H 81 -1.95 40.68 -17.43
N ARG H 82 -1.22 40.21 -16.41
CA ARG H 82 -1.22 38.78 -16.10
C ARG H 82 -1.61 38.58 -14.66
N VAL H 83 -2.80 38.02 -14.46
CA VAL H 83 -3.41 37.97 -13.15
C VAL H 83 -3.30 36.60 -12.53
N ARG H 84 -2.90 36.58 -11.27
CA ARG H 84 -2.92 35.41 -10.42
C ARG H 84 -3.96 35.68 -9.33
N ALA H 85 -5.09 34.99 -9.37
CA ALA H 85 -6.14 35.19 -8.36
C ALA H 85 -6.83 33.89 -7.97
N PRO H 86 -6.24 33.16 -7.02
CA PRO H 86 -6.76 31.85 -6.59
C PRO H 86 -8.10 31.96 -5.86
N SER H 89 -10.30 36.65 -0.60
CA SER H 89 -9.12 36.86 0.24
C SER H 89 -9.49 36.96 1.70
N LYS H 90 -8.61 37.59 2.48
CA LYS H 90 -8.79 37.75 3.92
C LYS H 90 -9.90 38.77 4.20
N SER H 91 -9.80 39.96 3.62
CA SER H 91 -10.84 40.97 3.75
C SER H 91 -12.08 40.62 2.93
N PRO H 96 -12.37 41.36 -4.98
CA PRO H 96 -12.14 41.82 -6.35
C PRO H 96 -10.82 42.58 -6.48
N GLY H 97 -9.82 42.20 -5.68
CA GLY H 97 -8.56 42.93 -5.63
C GLY H 97 -7.90 43.16 -6.99
N ALA H 98 -7.81 42.11 -7.80
CA ALA H 98 -7.12 42.21 -9.08
C ALA H 98 -7.82 43.20 -10.02
N GLN H 99 -9.15 43.15 -10.06
CA GLN H 99 -9.89 44.05 -10.92
C GLN H 99 -9.76 45.50 -10.46
N ALA H 100 -9.76 45.69 -9.14
CA ALA H 100 -9.57 47.01 -8.57
C ALA H 100 -8.20 47.54 -8.98
N ALA H 101 -7.19 46.67 -8.93
CA ALA H 101 -5.84 47.06 -9.33
C ALA H 101 -5.80 47.49 -10.79
N ILE H 102 -6.43 46.70 -11.65
CA ILE H 102 -6.45 47.04 -13.08
C ILE H 102 -7.09 48.41 -13.31
N ARG H 103 -8.22 48.65 -12.64
CA ARG H 103 -8.89 49.94 -12.81
C ARG H 103 -8.02 51.09 -12.33
N ALA H 104 -7.28 50.88 -11.25
CA ALA H 104 -6.38 51.93 -10.75
C ALA H 104 -5.23 52.16 -11.71
N LEU H 105 -4.76 51.10 -12.37
CA LEU H 105 -3.73 51.26 -13.40
C LEU H 105 -4.24 52.13 -14.54
N ALA H 106 -5.47 51.87 -15.02
CA ALA H 106 -6.05 52.68 -16.09
C ALA H 106 -6.23 54.13 -15.66
N ARG H 107 -6.74 54.29 -14.45
CA ARG H 107 -7.07 55.62 -13.93
C ARG H 107 -5.81 56.46 -13.75
N ALA H 108 -4.69 55.80 -13.47
CA ALA H 108 -3.44 56.52 -13.31
C ALA H 108 -2.86 56.96 -14.66
N GLY H 109 -3.47 56.49 -15.75
CA GLY H 109 -3.03 56.91 -17.09
C GLY H 109 -2.35 55.88 -17.99
N LEU H 110 -2.22 54.63 -17.56
CA LEU H 110 -1.71 53.58 -18.44
C LEU H 110 -2.81 53.04 -19.34
N LYS H 111 -2.47 52.78 -20.59
CA LYS H 111 -3.37 52.01 -21.45
C LYS H 111 -3.37 50.57 -20.95
N ILE H 112 -4.49 49.88 -21.11
CA ILE H 112 -4.58 48.47 -20.71
C ILE H 112 -4.65 47.58 -21.93
N GLY H 113 -3.77 46.58 -21.98
CA GLY H 113 -3.70 45.69 -23.13
C GLY H 113 -4.51 44.43 -22.88
N ARG H 114 -4.03 43.28 -23.35
CA ARG H 114 -4.67 42.00 -23.04
C ARG H 114 -4.66 41.72 -21.54
N VAL H 115 -5.74 41.11 -21.06
CA VAL H 115 -5.80 40.71 -19.67
C VAL H 115 -5.88 39.17 -19.66
N GLU H 116 -4.91 38.53 -19.05
CA GLU H 116 -4.82 37.07 -19.10
C GLU H 116 -4.87 36.50 -17.71
N ASP H 117 -5.63 35.42 -17.52
CA ASP H 117 -5.70 34.78 -16.22
C ASP H 117 -4.61 33.70 -16.19
N VAL H 118 -3.58 33.96 -15.39
CA VAL H 118 -2.51 33.02 -15.13
C VAL H 118 -2.50 32.34 -13.77
N THR H 119 -3.64 32.32 -13.07
CA THR H 119 -3.69 31.82 -11.70
C THR H 119 -2.97 30.48 -11.60
N PRO H 120 -1.98 30.40 -10.69
CA PRO H 120 -1.15 29.19 -10.61
C PRO H 120 -1.90 28.03 -9.99
N ILE H 121 -1.74 26.85 -10.56
CA ILE H 121 -2.40 25.69 -9.99
C ILE H 121 -1.33 24.74 -9.48
N PRO H 122 -1.30 24.50 -8.16
CA PRO H 122 -0.31 23.59 -7.59
C PRO H 122 -0.53 22.20 -8.16
N HIS H 123 0.52 21.59 -8.70
CA HIS H 123 0.43 20.19 -9.08
C HIS H 123 1.74 19.45 -8.95
N ASP H 124 1.69 18.36 -8.18
CA ASP H 124 2.04 17.01 -8.61
C ASP H 124 1.88 16.11 -7.37
N GLY H 125 1.48 14.87 -7.58
CA GLY H 125 0.82 14.16 -6.52
C GLY H 125 -0.19 13.33 -7.27
N THR H 126 -1.39 13.22 -6.71
CA THR H 126 -2.52 12.72 -7.48
C THR H 126 -2.81 13.71 -8.61
N ARG H 127 -3.32 13.21 -9.73
CA ARG H 127 -3.66 14.07 -10.83
C ARG H 127 -5.17 13.93 -11.07
N PRO H 128 -5.88 15.04 -10.94
CA PRO H 128 -7.33 14.99 -11.08
C PRO H 128 -7.74 14.76 -12.52
N LYS H 129 -8.99 14.37 -12.74
CA LYS H 129 -9.50 14.15 -14.08
C LYS H 129 -9.51 15.49 -14.81
N GLY H 130 -8.99 15.51 -16.03
CA GLY H 130 -8.90 16.76 -16.75
C GLY H 130 -7.64 17.53 -16.41
N GLY H 131 -6.78 16.92 -15.59
CA GLY H 131 -5.53 17.57 -15.21
C GLY H 131 -5.73 18.55 -14.07
N ARG H 132 -4.71 19.38 -13.81
CA ARG H 132 -4.74 20.22 -12.63
C ARG H 132 -5.91 21.21 -12.60
N ARG H 133 -6.42 21.56 -13.77
CA ARG H 133 -7.65 22.39 -13.80
C ARG H 133 -8.86 21.63 -13.26
N GLY H 134 -8.75 20.31 -13.16
CA GLY H 134 -9.89 19.53 -12.68
C GLY H 134 -9.89 19.38 -11.17
N ARG H 135 -8.90 19.97 -10.49
CA ARG H 135 -8.95 20.00 -9.04
C ARG H 135 -10.00 21.05 -8.73
N ARG H 136 -10.70 20.91 -7.62
CA ARG H 136 -11.65 21.98 -7.30
C ARG H 136 -11.41 22.56 -5.91
#